data_6S15
# 
_entry.id   6S15 
# 
_audit_conform.dict_name       mmcif_pdbx.dic 
_audit_conform.dict_version    5.383 
_audit_conform.dict_location   http://mmcif.pdb.org/dictionaries/ascii/mmcif_pdbx.dic 
# 
loop_
_database_2.database_id 
_database_2.database_code 
_database_2.pdbx_database_accession 
_database_2.pdbx_DOI 
PDB   6S15         pdb_00006s15 10.2210/pdb6s15/pdb 
WWPDB D_1292102975 ?            ?                   
# 
loop_
_pdbx_audit_revision_history.ordinal 
_pdbx_audit_revision_history.data_content_type 
_pdbx_audit_revision_history.major_revision 
_pdbx_audit_revision_history.minor_revision 
_pdbx_audit_revision_history.revision_date 
1 'Structure model' 1 0 2020-06-03 
2 'Structure model' 1 1 2024-01-24 
# 
_pdbx_audit_revision_details.ordinal             1 
_pdbx_audit_revision_details.revision_ordinal    1 
_pdbx_audit_revision_details.data_content_type   'Structure model' 
_pdbx_audit_revision_details.provider            repository 
_pdbx_audit_revision_details.type                'Initial release' 
_pdbx_audit_revision_details.description         ? 
_pdbx_audit_revision_details.details             ? 
# 
loop_
_pdbx_audit_revision_group.ordinal 
_pdbx_audit_revision_group.revision_ordinal 
_pdbx_audit_revision_group.data_content_type 
_pdbx_audit_revision_group.group 
1 2 'Structure model' 'Data collection'        
2 2 'Structure model' 'Database references'    
3 2 'Structure model' 'Derived calculations'   
4 2 'Structure model' 'Refinement description' 
# 
loop_
_pdbx_audit_revision_category.ordinal 
_pdbx_audit_revision_category.revision_ordinal 
_pdbx_audit_revision_category.data_content_type 
_pdbx_audit_revision_category.category 
1 2 'Structure model' chem_comp_atom                
2 2 'Structure model' chem_comp_bond                
3 2 'Structure model' database_2                    
4 2 'Structure model' pdbx_initial_refinement_model 
5 2 'Structure model' struct_conn                   
# 
loop_
_pdbx_audit_revision_item.ordinal 
_pdbx_audit_revision_item.revision_ordinal 
_pdbx_audit_revision_item.data_content_type 
_pdbx_audit_revision_item.item 
1  2 'Structure model' '_database_2.pdbx_DOI'                
2  2 'Structure model' '_database_2.pdbx_database_accession' 
3  2 'Structure model' '_struct_conn.pdbx_dist_value'        
4  2 'Structure model' '_struct_conn.ptnr1_auth_asym_id'     
5  2 'Structure model' '_struct_conn.ptnr1_auth_comp_id'     
6  2 'Structure model' '_struct_conn.ptnr1_auth_seq_id'      
7  2 'Structure model' '_struct_conn.ptnr1_label_asym_id'    
8  2 'Structure model' '_struct_conn.ptnr1_label_atom_id'    
9  2 'Structure model' '_struct_conn.ptnr1_label_comp_id'    
10 2 'Structure model' '_struct_conn.ptnr1_label_seq_id'     
11 2 'Structure model' '_struct_conn.ptnr2_auth_asym_id'     
12 2 'Structure model' '_struct_conn.ptnr2_auth_comp_id'     
13 2 'Structure model' '_struct_conn.ptnr2_auth_seq_id'      
14 2 'Structure model' '_struct_conn.ptnr2_label_asym_id'    
15 2 'Structure model' '_struct_conn.ptnr2_label_atom_id'    
16 2 'Structure model' '_struct_conn.ptnr2_label_comp_id'    
17 2 'Structure model' '_struct_conn.ptnr2_label_seq_id'     
# 
_pdbx_database_status.status_code                     REL 
_pdbx_database_status.status_code_sf                  REL 
_pdbx_database_status.status_code_mr                  ? 
_pdbx_database_status.entry_id                        6S15 
_pdbx_database_status.recvd_initial_deposition_date   2019-06-18 
_pdbx_database_status.SG_entry                        N 
_pdbx_database_status.deposit_site                    PDBE 
_pdbx_database_status.process_site                    PDBE 
_pdbx_database_status.status_code_cs                  ? 
_pdbx_database_status.methods_development_category    ? 
_pdbx_database_status.pdb_format_compatible           Y 
_pdbx_database_status.status_code_nmr_data            ? 
# 
loop_
_audit_author.name 
_audit_author.pdbx_ordinal 
_audit_author.identifier_ORCID 
'Ferraroni, M.'   1 0000-0001-7258-738X 
'Bazzicalupi, C.' 2 0000-0003-4602-0405 
'Gratteri, P.'    3 0000-0002-9137-2509 
'Papi, F.'        4 0000-0003-1760-1999 
# 
_citation.abstract                  ? 
_citation.abstract_id_CAS           ? 
_citation.book_id_ISBN              ? 
_citation.book_publisher            ? 
_citation.book_publisher_city       ? 
_citation.book_title                ? 
_citation.coordinate_linkage        ? 
_citation.country                   US 
_citation.database_id_Medline       ? 
_citation.details                   ? 
_citation.id                        primary 
_citation.journal_abbrev            'Acs Med.Chem.Lett.' 
_citation.journal_id_ASTM           ? 
_citation.journal_id_CSD            ? 
_citation.journal_id_ISSN           1948-5875 
_citation.journal_full              ? 
_citation.journal_issue             ? 
_citation.journal_volume            11 
_citation.language                  ? 
_citation.page_first                645 
_citation.page_last                 650 
_citation.title                     
'Pyridine Derivative of the Natural Alkaloid Berberine as Human Telomeric G4-DNA Binder: A Solution and Solid-State Study.' 
_citation.year                      2020 
_citation.database_id_CSD           ? 
_citation.pdbx_database_id_DOI      10.1021/acsmedchemlett.9b00516 
_citation.pdbx_database_id_PubMed   32435365 
_citation.unpublished_flag          ? 
# 
loop_
_citation_author.citation_id 
_citation_author.name 
_citation_author.ordinal 
_citation_author.identifier_ORCID 
primary 'Papi, F.'        1 ? 
primary 'Bazzicalupi, C.' 2 ? 
primary 'Ferraroni, M.'   3 ? 
primary 'Ciolli, G.'      4 ? 
primary 'Lombardi, P.'    5 ? 
primary 'Khan, A.Y.'      6 ? 
primary 'Kumar, G.S.'     7 ? 
primary 'Gratteri, P.'    8 ? 
# 
loop_
_entity.id 
_entity.type 
_entity.src_method 
_entity.pdbx_description 
_entity.formula_weight 
_entity.pdbx_number_of_molecules 
_entity.pdbx_ec 
_entity.pdbx_mutation 
_entity.pdbx_fragment 
_entity.details 
1 polymer     syn 'DNA TAGGGTTAGGGT' 3773.462 2  ? ? ? 'quadruplex structure' 
2 non-polymer syn 'POTASSIUM ION'    39.098   2  ? ? ? ?                      
3 non-polymer man Berberine          455.525  1  ? ? ? ?                      
4 water       nat water              18.015   24 ? ? ? ?                      
# 
_entity_poly.entity_id                      1 
_entity_poly.type                           polydeoxyribonucleotide 
_entity_poly.nstd_linkage                   no 
_entity_poly.nstd_monomer                   no 
_entity_poly.pdbx_seq_one_letter_code       '(DT)(DA)(DG)(DG)(DG)(DT)(DT)(DA)(DG)(DG)(DG)(DT)' 
_entity_poly.pdbx_seq_one_letter_code_can   TAGGGTTAGGGT 
_entity_poly.pdbx_strand_id                 A,B 
_entity_poly.pdbx_target_identifier         ? 
# 
loop_
_pdbx_entity_nonpoly.entity_id 
_pdbx_entity_nonpoly.name 
_pdbx_entity_nonpoly.comp_id 
2 'POTASSIUM ION' K   
3 Berberine       KQT 
4 water           HOH 
# 
loop_
_entity_poly_seq.entity_id 
_entity_poly_seq.num 
_entity_poly_seq.mon_id 
_entity_poly_seq.hetero 
1 1  DT n 
1 2  DA n 
1 3  DG n 
1 4  DG n 
1 5  DG n 
1 6  DT n 
1 7  DT n 
1 8  DA n 
1 9  DG n 
1 10 DG n 
1 11 DG n 
1 12 DT n 
# 
_pdbx_entity_src_syn.entity_id              1 
_pdbx_entity_src_syn.pdbx_src_id            1 
_pdbx_entity_src_syn.pdbx_alt_source_flag   sample 
_pdbx_entity_src_syn.pdbx_beg_seq_num       1 
_pdbx_entity_src_syn.pdbx_end_seq_num       12 
_pdbx_entity_src_syn.organism_scientific    'synthetic construct' 
_pdbx_entity_src_syn.organism_common_name   ? 
_pdbx_entity_src_syn.ncbi_taxonomy_id       32630 
_pdbx_entity_src_syn.details                ? 
# 
loop_
_chem_comp.id 
_chem_comp.type 
_chem_comp.mon_nstd_flag 
_chem_comp.name 
_chem_comp.pdbx_synonyms 
_chem_comp.formula 
_chem_comp.formula_weight 
DA  'DNA linking' y "2'-DEOXYADENOSINE-5'-MONOPHOSPHATE" ? 'C10 H14 N5 O6 P' 331.222 
DG  'DNA linking' y "2'-DEOXYGUANOSINE-5'-MONOPHOSPHATE" ? 'C10 H14 N5 O7 P' 347.221 
DT  'DNA linking' y "THYMIDINE-5'-MONOPHOSPHATE"         ? 'C10 H15 N2 O8 P' 322.208 
HOH non-polymer   . WATER                                ? 'H2 O'            18.015  
K   non-polymer   . 'POTASSIUM ION'                      ? 'K 1'             39.098  
KQT non-polymer   . Berberine                            ? 'C28 H27 N2 O4 1' 455.525 
# 
loop_
_pdbx_poly_seq_scheme.asym_id 
_pdbx_poly_seq_scheme.entity_id 
_pdbx_poly_seq_scheme.seq_id 
_pdbx_poly_seq_scheme.mon_id 
_pdbx_poly_seq_scheme.ndb_seq_num 
_pdbx_poly_seq_scheme.pdb_seq_num 
_pdbx_poly_seq_scheme.auth_seq_num 
_pdbx_poly_seq_scheme.pdb_mon_id 
_pdbx_poly_seq_scheme.auth_mon_id 
_pdbx_poly_seq_scheme.pdb_strand_id 
_pdbx_poly_seq_scheme.pdb_ins_code 
_pdbx_poly_seq_scheme.hetero 
A 1 1  DT 1  1  1  DT T A . n 
A 1 2  DA 2  2  2  DA A A . n 
A 1 3  DG 3  3  3  DG G A . n 
A 1 4  DG 4  4  4  DG G A . n 
A 1 5  DG 5  5  5  DG G A . n 
A 1 6  DT 6  6  6  DT T A . n 
A 1 7  DT 7  7  7  DT T A . n 
A 1 8  DA 8  8  8  DA A A . n 
A 1 9  DG 9  9  9  DG G A . n 
A 1 10 DG 10 10 10 DG G A . n 
A 1 11 DG 11 11 11 DG G A . n 
A 1 12 DT 12 12 12 DT T A . n 
B 1 1  DT 1  13 13 DT T B . n 
B 1 2  DA 2  14 14 DA A B . n 
B 1 3  DG 3  15 15 DG G B . n 
B 1 4  DG 4  16 16 DG G B . n 
B 1 5  DG 5  17 17 DG G B . n 
B 1 6  DT 6  18 18 DT T B . n 
B 1 7  DT 7  19 19 DT T B . n 
B 1 8  DA 8  20 20 DA A B . n 
B 1 9  DG 9  21 21 DG G B . n 
B 1 10 DG 10 22 22 DG G B . n 
B 1 11 DG 11 23 23 DG G B . n 
B 1 12 DT 12 24 24 DT T B . n 
# 
loop_
_pdbx_nonpoly_scheme.asym_id 
_pdbx_nonpoly_scheme.entity_id 
_pdbx_nonpoly_scheme.mon_id 
_pdbx_nonpoly_scheme.ndb_seq_num 
_pdbx_nonpoly_scheme.pdb_seq_num 
_pdbx_nonpoly_scheme.auth_seq_num 
_pdbx_nonpoly_scheme.pdb_mon_id 
_pdbx_nonpoly_scheme.auth_mon_id 
_pdbx_nonpoly_scheme.pdb_strand_id 
_pdbx_nonpoly_scheme.pdb_ins_code 
C 2 K   1  101 1  K   K   A . 
D 2 K   1  102 2  K   K   A . 
E 3 KQT 1  103 1  KQT BNX A . 
F 4 HOH 1  201 13 HOH HOH A . 
F 4 HOH 2  202 22 HOH HOH A . 
F 4 HOH 3  203 25 HOH HOH A . 
F 4 HOH 4  204 4  HOH HOH A . 
F 4 HOH 5  205 16 HOH HOH A . 
F 4 HOH 6  206 24 HOH HOH A . 
F 4 HOH 7  207 9  HOH HOH A . 
F 4 HOH 8  208 23 HOH HOH A . 
F 4 HOH 9  209 6  HOH HOH A . 
F 4 HOH 10 210 5  HOH HOH A . 
F 4 HOH 11 211 14 HOH HOH A . 
F 4 HOH 12 212 12 HOH HOH A . 
F 4 HOH 13 213 18 HOH HOH A . 
F 4 HOH 14 214 15 HOH HOH A . 
F 4 HOH 15 215 11 HOH HOH A . 
G 4 HOH 1  101 21 HOH HOH B . 
G 4 HOH 2  102 7  HOH HOH B . 
G 4 HOH 3  103 3  HOH HOH B . 
G 4 HOH 4  104 8  HOH HOH B . 
G 4 HOH 5  105 1  HOH HOH B . 
G 4 HOH 6  106 17 HOH HOH B . 
G 4 HOH 7  107 19 HOH HOH B . 
G 4 HOH 8  108 2  HOH HOH B . 
G 4 HOH 9  109 20 HOH HOH B . 
# 
loop_
_pdbx_unobs_or_zero_occ_atoms.id 
_pdbx_unobs_or_zero_occ_atoms.PDB_model_num 
_pdbx_unobs_or_zero_occ_atoms.polymer_flag 
_pdbx_unobs_or_zero_occ_atoms.occupancy_flag 
_pdbx_unobs_or_zero_occ_atoms.auth_asym_id 
_pdbx_unobs_or_zero_occ_atoms.auth_comp_id 
_pdbx_unobs_or_zero_occ_atoms.auth_seq_id 
_pdbx_unobs_or_zero_occ_atoms.PDB_ins_code 
_pdbx_unobs_or_zero_occ_atoms.auth_atom_id 
_pdbx_unobs_or_zero_occ_atoms.label_alt_id 
_pdbx_unobs_or_zero_occ_atoms.label_asym_id 
_pdbx_unobs_or_zero_occ_atoms.label_comp_id 
_pdbx_unobs_or_zero_occ_atoms.label_seq_id 
_pdbx_unobs_or_zero_occ_atoms.label_atom_id 
1 1 Y 1 A DT 1  ? "O5'" ? A DT 1  "O5'" 
2 1 Y 1 B DT 24 ? C2    ? B DT 12 C2    
3 1 Y 1 B DT 24 ? O2    ? B DT 12 O2    
4 1 Y 1 B DT 24 ? N3    ? B DT 12 N3    
5 1 Y 1 B DT 24 ? C4    ? B DT 12 C4    
6 1 Y 1 B DT 24 ? O4    ? B DT 12 O4    
7 1 Y 1 B DT 24 ? C5    ? B DT 12 C5    
8 1 Y 1 B DT 24 ? C7    ? B DT 12 C7    
9 1 Y 1 B DT 24 ? C6    ? B DT 12 C6    
# 
loop_
_software.citation_id 
_software.classification 
_software.compiler_name 
_software.compiler_version 
_software.contact_author 
_software.contact_author_email 
_software.date 
_software.description 
_software.dependencies 
_software.hardware 
_software.language 
_software.location 
_software.mods 
_software.name 
_software.os 
_software.os_version 
_software.type 
_software.version 
_software.pdbx_ordinal 
? refinement        ? ? ?                 ?                                       ?              ? ? ? ?          ? ? REFMAC      
? ? ?       5.8.0189 1 
? 'data reduction'  ? ? 'Wolfgang Kabsch' Wolfgang.Kabsch@mpimf-heidelberg.mpg.de ?              ? ? ? ?          
http://www.mpimf-heidelberg.mpg.de/~kabsch/xds/                             ? XDS         ? ? package .        2 
? 'data scaling'    ? ? 'Wolfgang Kabsch' ?                                       ?              ? ? ? ?          
http://www.mpimf-heidelberg.mpg.de/~kabsch/xds/html_doc/xscale_program.html ? XSCALE      ? ? package .        3 
? phasing           ? ? 'Alexei Vaguine'  alexei@ysbl.york.ac.uk                  ?              ? ? ? Fortran_77 
http://www.ccp4.ac.uk/dist/html/molrep.html                                 ? MOLREP      ? ? program .        4 
? 'data extraction' ? ? PDB               deposit@deposit.rcsb.org                'Apr. 1, 2019' ? ? ? C++        
http://sw-tools.pdb.org/apps/PDB_EXTRACT/                                   ? PDB_EXTRACT ? ? package 3.25     5 
# 
_cell.angle_alpha                  90.000 
_cell.angle_alpha_esd              ? 
_cell.angle_beta                   90.000 
_cell.angle_beta_esd               ? 
_cell.angle_gamma                  90.000 
_cell.angle_gamma_esd              ? 
_cell.entry_id                     6S15 
_cell.details                      ? 
_cell.formula_units_Z              ? 
_cell.length_a                     41.250 
_cell.length_a_esd                 ? 
_cell.length_b                     41.250 
_cell.length_b_esd                 ? 
_cell.length_c                     68.600 
_cell.length_c_esd                 ? 
_cell.volume                       ? 
_cell.volume_esd                   ? 
_cell.Z_PDB                        16 
_cell.reciprocal_angle_alpha       ? 
_cell.reciprocal_angle_beta        ? 
_cell.reciprocal_angle_gamma       ? 
_cell.reciprocal_angle_alpha_esd   ? 
_cell.reciprocal_angle_beta_esd    ? 
_cell.reciprocal_angle_gamma_esd   ? 
_cell.reciprocal_length_a          ? 
_cell.reciprocal_length_b          ? 
_cell.reciprocal_length_c          ? 
_cell.reciprocal_length_a_esd      ? 
_cell.reciprocal_length_b_esd      ? 
_cell.reciprocal_length_c_esd      ? 
_cell.pdbx_unique_axis             ? 
# 
_symmetry.entry_id                         6S15 
_symmetry.cell_setting                     ? 
_symmetry.Int_Tables_number                92 
_symmetry.space_group_name_Hall            ? 
_symmetry.space_group_name_H-M             'P 41 21 2' 
_symmetry.pdbx_full_space_group_name_H-M   ? 
# 
_exptl.absorpt_coefficient_mu     ? 
_exptl.absorpt_correction_T_max   ? 
_exptl.absorpt_correction_T_min   ? 
_exptl.absorpt_correction_type    ? 
_exptl.absorpt_process_details    ? 
_exptl.entry_id                   6S15 
_exptl.crystals_number            1 
_exptl.details                    ? 
_exptl.method                     'X-RAY DIFFRACTION' 
_exptl.method_details             ? 
# 
_exptl_crystal.colour                      ? 
_exptl_crystal.density_diffrn              ? 
_exptl_crystal.density_Matthews            1.93 
_exptl_crystal.density_method              ? 
_exptl_crystal.density_percent_sol         36.38 
_exptl_crystal.description                 ? 
_exptl_crystal.F_000                       ? 
_exptl_crystal.id                          1 
_exptl_crystal.preparation                 ? 
_exptl_crystal.size_max                    ? 
_exptl_crystal.size_mid                    ? 
_exptl_crystal.size_min                    ? 
_exptl_crystal.size_rad                    ? 
_exptl_crystal.colour_lustre               ? 
_exptl_crystal.colour_modifier             ? 
_exptl_crystal.colour_primary              ? 
_exptl_crystal.density_meas                ? 
_exptl_crystal.density_meas_esd            ? 
_exptl_crystal.density_meas_gt             ? 
_exptl_crystal.density_meas_lt             ? 
_exptl_crystal.density_meas_temp           ? 
_exptl_crystal.density_meas_temp_esd       ? 
_exptl_crystal.density_meas_temp_gt        ? 
_exptl_crystal.density_meas_temp_lt        ? 
_exptl_crystal.pdbx_crystal_image_url      ? 
_exptl_crystal.pdbx_crystal_image_format   ? 
_exptl_crystal.pdbx_mosaicity              ? 
_exptl_crystal.pdbx_mosaicity_esd          ? 
# 
_exptl_crystal_grow.apparatus       ? 
_exptl_crystal_grow.atmosphere      ? 
_exptl_crystal_grow.crystal_id      1 
_exptl_crystal_grow.details         ? 
_exptl_crystal_grow.method          'VAPOR DIFFUSION, SITTING DROP' 
_exptl_crystal_grow.method_ref      ? 
_exptl_crystal_grow.pH              6.5 
_exptl_crystal_grow.pressure        ? 
_exptl_crystal_grow.pressure_esd    ? 
_exptl_crystal_grow.seeding         ? 
_exptl_crystal_grow.seeding_ref     ? 
_exptl_crystal_grow.temp            296 
_exptl_crystal_grow.temp_details    ? 
_exptl_crystal_grow.temp_esd        ? 
_exptl_crystal_grow.time            ? 
_exptl_crystal_grow.pdbx_details    'Potassium Cacodylate, Lithium Sulfate, Magnesium Sulfate, Iso-propanol' 
_exptl_crystal_grow.pdbx_pH_range   ? 
# 
_diffrn.ambient_environment              ? 
_diffrn.ambient_temp                     100 
_diffrn.ambient_temp_details             ? 
_diffrn.ambient_temp_esd                 ? 
_diffrn.crystal_id                       1 
_diffrn.crystal_support                  ? 
_diffrn.crystal_treatment                ? 
_diffrn.details                          ? 
_diffrn.id                               1 
_diffrn.ambient_pressure                 ? 
_diffrn.ambient_pressure_esd             ? 
_diffrn.ambient_pressure_gt              ? 
_diffrn.ambient_pressure_lt              ? 
_diffrn.ambient_temp_gt                  ? 
_diffrn.ambient_temp_lt                  ? 
_diffrn.pdbx_serial_crystal_experiment   N 
# 
_diffrn_detector.details                      ? 
_diffrn_detector.detector                     PIXEL 
_diffrn_detector.diffrn_id                    1 
_diffrn_detector.type                         'DECTRIS PILATUS 2M' 
_diffrn_detector.area_resol_mean              ? 
_diffrn_detector.dtime                        ? 
_diffrn_detector.pdbx_frames_total            ? 
_diffrn_detector.pdbx_collection_time_total   ? 
_diffrn_detector.pdbx_collection_date         2016-04-24 
_diffrn_detector.pdbx_frequency               ? 
# 
_diffrn_radiation.collimation                      ? 
_diffrn_radiation.diffrn_id                        1 
_diffrn_radiation.filter_edge                      ? 
_diffrn_radiation.inhomogeneity                    ? 
_diffrn_radiation.monochromator                    ? 
_diffrn_radiation.polarisn_norm                    ? 
_diffrn_radiation.polarisn_ratio                   ? 
_diffrn_radiation.probe                            ? 
_diffrn_radiation.type                             ? 
_diffrn_radiation.xray_symbol                      ? 
_diffrn_radiation.wavelength_id                    1 
_diffrn_radiation.pdbx_monochromatic_or_laue_m_l   M 
_diffrn_radiation.pdbx_wavelength_list             ? 
_diffrn_radiation.pdbx_wavelength                  ? 
_diffrn_radiation.pdbx_diffrn_protocol             'SINGLE WAVELENGTH' 
_diffrn_radiation.pdbx_analyzer                    ? 
_diffrn_radiation.pdbx_scattering_type             x-ray 
# 
_diffrn_radiation_wavelength.id           1 
_diffrn_radiation_wavelength.wavelength   1.0000 
_diffrn_radiation_wavelength.wt           1.0 
# 
_diffrn_source.current                     ? 
_diffrn_source.details                     ? 
_diffrn_source.diffrn_id                   1 
_diffrn_source.power                       ? 
_diffrn_source.size                        ? 
_diffrn_source.source                      SYNCHROTRON 
_diffrn_source.target                      ? 
_diffrn_source.type                        'ELETTRA BEAMLINE 5.2R' 
_diffrn_source.voltage                     ? 
_diffrn_source.take-off_angle              ? 
_diffrn_source.pdbx_wavelength_list        1.0000 
_diffrn_source.pdbx_wavelength             ? 
_diffrn_source.pdbx_synchrotron_beamline   5.2R 
_diffrn_source.pdbx_synchrotron_site       ELETTRA 
# 
_reflns.B_iso_Wilson_estimate            32.91 
_reflns.entry_id                         6S15 
_reflns.data_reduction_details           ? 
_reflns.data_reduction_method            ? 
_reflns.d_resolution_high                1.70 
_reflns.d_resolution_low                 35.350 
_reflns.details                          ? 
_reflns.limit_h_max                      ? 
_reflns.limit_h_min                      ? 
_reflns.limit_k_max                      ? 
_reflns.limit_k_min                      ? 
_reflns.limit_l_max                      ? 
_reflns.limit_l_min                      ? 
_reflns.number_all                       ? 
_reflns.number_obs                       6173 
_reflns.observed_criterion               ? 
_reflns.observed_criterion_F_max         ? 
_reflns.observed_criterion_F_min         ? 
_reflns.observed_criterion_I_max         ? 
_reflns.observed_criterion_I_min         ? 
_reflns.observed_criterion_sigma_F       ? 
_reflns.observed_criterion_sigma_I       ? 
_reflns.percent_possible_obs             99.1 
_reflns.R_free_details                   ? 
_reflns.Rmerge_F_all                     ? 
_reflns.Rmerge_F_obs                     ? 
_reflns.Friedel_coverage                 ? 
_reflns.number_gt                        ? 
_reflns.threshold_expression             ? 
_reflns.pdbx_redundancy                  22.9 
_reflns.pdbx_Rmerge_I_obs                0.078 
_reflns.pdbx_Rmerge_I_all                ? 
_reflns.pdbx_Rsym_value                  ? 
_reflns.pdbx_netI_over_av_sigmaI         ? 
_reflns.pdbx_netI_over_sigmaI            21.74 
_reflns.pdbx_res_netI_over_av_sigmaI_2   ? 
_reflns.pdbx_res_netI_over_sigmaI_2      ? 
_reflns.pdbx_chi_squared                 0.97 
_reflns.pdbx_scaling_rejects             ? 
_reflns.pdbx_d_res_high_opt              ? 
_reflns.pdbx_d_res_low_opt               ? 
_reflns.pdbx_d_res_opt_method            ? 
_reflns.phase_calculation_details        ? 
_reflns.pdbx_Rrim_I_all                  0.081 
_reflns.pdbx_Rpim_I_all                  ? 
_reflns.pdbx_d_opt                       ? 
_reflns.pdbx_number_measured_all         ? 
_reflns.pdbx_diffrn_id                   1 
_reflns.pdbx_ordinal                     1 
_reflns.pdbx_CC_half                     0.99 
_reflns.pdbx_R_split                     ? 
# 
_reflns_shell.d_res_high                  1.70 
_reflns_shell.d_res_low                   1.74 
_reflns_shell.meanI_over_sigI_all         ? 
_reflns_shell.meanI_over_sigI_obs         3.54 
_reflns_shell.number_measured_all         ? 
_reflns_shell.number_measured_obs         ? 
_reflns_shell.number_possible             ? 
_reflns_shell.number_unique_all           ? 
_reflns_shell.number_unique_obs           418 
_reflns_shell.percent_possible_all        96.35 
_reflns_shell.percent_possible_obs        ? 
_reflns_shell.Rmerge_F_all                ? 
_reflns_shell.Rmerge_F_obs                ? 
_reflns_shell.Rmerge_I_all                ? 
_reflns_shell.Rmerge_I_obs                0.32 
_reflns_shell.meanI_over_sigI_gt          ? 
_reflns_shell.meanI_over_uI_all           ? 
_reflns_shell.meanI_over_uI_gt            ? 
_reflns_shell.number_measured_gt          ? 
_reflns_shell.number_unique_gt            ? 
_reflns_shell.percent_possible_gt         ? 
_reflns_shell.Rmerge_F_gt                 ? 
_reflns_shell.Rmerge_I_gt                 ? 
_reflns_shell.pdbx_redundancy             20.0 
_reflns_shell.pdbx_Rsym_value             ? 
_reflns_shell.pdbx_chi_squared            ? 
_reflns_shell.pdbx_netI_over_sigmaI_all   ? 
_reflns_shell.pdbx_netI_over_sigmaI_obs   ? 
_reflns_shell.pdbx_Rrim_I_all             0.33 
_reflns_shell.pdbx_Rpim_I_all             ? 
_reflns_shell.pdbx_rejects                ? 
_reflns_shell.pdbx_ordinal                1 
_reflns_shell.pdbx_diffrn_id              1 
_reflns_shell.pdbx_CC_half                0.99 
_reflns_shell.pdbx_R_split                ? 
# 
_refine.aniso_B[1][1]                            1.3900 
_refine.aniso_B[1][2]                            -0.0000 
_refine.aniso_B[1][3]                            -0.0000 
_refine.aniso_B[2][2]                            1.3900 
_refine.aniso_B[2][3]                            -0.0000 
_refine.aniso_B[3][3]                            -2.7900 
_refine.B_iso_max                                70.220 
_refine.B_iso_mean                               32.9150 
_refine.B_iso_min                                18.760 
_refine.correlation_coeff_Fo_to_Fc               0.9270 
_refine.correlation_coeff_Fo_to_Fc_free          0.9040 
_refine.details                                  
'HYDROGENS HAVE BEEN ADDED IN THE RIDING POSITIONS U VALUES      : REFINED INDIVIDUALLY' 
_refine.diff_density_max                         ? 
_refine.diff_density_max_esd                     ? 
_refine.diff_density_min                         ? 
_refine.diff_density_min_esd                     ? 
_refine.diff_density_rms                         ? 
_refine.diff_density_rms_esd                     ? 
_refine.entry_id                                 6S15 
_refine.pdbx_refine_id                           'X-RAY DIFFRACTION' 
_refine.ls_abs_structure_details                 ? 
_refine.ls_abs_structure_Flack                   ? 
_refine.ls_abs_structure_Flack_esd               ? 
_refine.ls_abs_structure_Rogers                  ? 
_refine.ls_abs_structure_Rogers_esd              ? 
_refine.ls_d_res_high                            1.7000 
_refine.ls_d_res_low                             35.3500 
_refine.ls_extinction_coef                       ? 
_refine.ls_extinction_coef_esd                   ? 
_refine.ls_extinction_expression                 ? 
_refine.ls_extinction_method                     ? 
_refine.ls_goodness_of_fit_all                   ? 
_refine.ls_goodness_of_fit_all_esd               ? 
_refine.ls_goodness_of_fit_obs                   ? 
_refine.ls_goodness_of_fit_obs_esd               ? 
_refine.ls_hydrogen_treatment                    ? 
_refine.ls_matrix_type                           ? 
_refine.ls_number_constraints                    ? 
_refine.ls_number_parameters                     ? 
_refine.ls_number_reflns_all                     ? 
_refine.ls_number_reflns_obs                     6173 
_refine.ls_number_reflns_R_free                  702 
_refine.ls_number_reflns_R_work                  ? 
_refine.ls_number_restraints                     ? 
_refine.ls_percent_reflns_obs                    99.0600 
_refine.ls_percent_reflns_R_free                 10.2000 
_refine.ls_R_factor_all                          ? 
_refine.ls_R_factor_obs                          0.2684 
_refine.ls_R_factor_R_free                       0.2935 
_refine.ls_R_factor_R_free_error                 ? 
_refine.ls_R_factor_R_free_error_details         ? 
_refine.ls_R_factor_R_work                       0.2657 
_refine.ls_R_Fsqd_factor_obs                     ? 
_refine.ls_R_I_factor_obs                        ? 
_refine.ls_redundancy_reflns_all                 ? 
_refine.ls_redundancy_reflns_obs                 ? 
_refine.ls_restrained_S_all                      ? 
_refine.ls_restrained_S_obs                      ? 
_refine.ls_shift_over_esd_max                    ? 
_refine.ls_shift_over_esd_mean                   ? 
_refine.ls_structure_factor_coef                 ? 
_refine.ls_weighting_details                     ? 
_refine.ls_weighting_scheme                      ? 
_refine.ls_wR_factor_all                         ? 
_refine.ls_wR_factor_obs                         ? 
_refine.ls_wR_factor_R_free                      ? 
_refine.ls_wR_factor_R_work                      ? 
_refine.occupancy_max                            ? 
_refine.occupancy_min                            ? 
_refine.solvent_model_details                    ? 
_refine.solvent_model_param_bsol                 ? 
_refine.solvent_model_param_ksol                 ? 
_refine.ls_R_factor_gt                           ? 
_refine.ls_goodness_of_fit_gt                    ? 
_refine.ls_goodness_of_fit_ref                   ? 
_refine.ls_shift_over_su_max                     ? 
_refine.ls_shift_over_su_max_lt                  ? 
_refine.ls_shift_over_su_mean                    ? 
_refine.ls_shift_over_su_mean_lt                 ? 
_refine.pdbx_ls_sigma_I                          ? 
_refine.pdbx_ls_sigma_F                          0.000 
_refine.pdbx_ls_sigma_Fsqd                       ? 
_refine.pdbx_data_cutoff_high_absF               ? 
_refine.pdbx_data_cutoff_high_rms_absF           ? 
_refine.pdbx_data_cutoff_low_absF                ? 
_refine.pdbx_isotropic_thermal_model             ? 
_refine.pdbx_ls_cross_valid_method               THROUGHOUT 
_refine.pdbx_method_to_determine_struct          'MOLECULAR REPLACEMENT' 
_refine.pdbx_starting_model                      5CDB 
_refine.pdbx_stereochemistry_target_values       ? 
_refine.pdbx_R_Free_selection_details            RANDOM 
_refine.pdbx_stereochem_target_val_spec_case     ? 
_refine.pdbx_overall_ESU_R                       0.1760 
_refine.pdbx_overall_ESU_R_Free                  0.1560 
_refine.pdbx_solvent_vdw_probe_radii             1.2000 
_refine.pdbx_solvent_ion_probe_radii             0.8000 
_refine.pdbx_solvent_shrinkage_radii             0.8000 
_refine.pdbx_real_space_R                        ? 
_refine.pdbx_density_correlation                 ? 
_refine.pdbx_pd_number_of_powder_patterns        ? 
_refine.pdbx_pd_number_of_points                 ? 
_refine.pdbx_pd_meas_number_of_points            ? 
_refine.pdbx_pd_proc_ls_prof_R_factor            ? 
_refine.pdbx_pd_proc_ls_prof_wR_factor           ? 
_refine.pdbx_pd_Marquardt_correlation_coeff      ? 
_refine.pdbx_pd_Fsqrd_R_factor                   ? 
_refine.pdbx_pd_ls_matrix_band_width             ? 
_refine.pdbx_overall_phase_error                 ? 
_refine.pdbx_overall_SU_R_free_Cruickshank_DPI   ? 
_refine.pdbx_overall_SU_R_free_Blow_DPI          ? 
_refine.pdbx_overall_SU_R_Blow_DPI               ? 
_refine.pdbx_TLS_residual_ADP_flag               ? 
_refine.pdbx_diffrn_id                           1 
_refine.overall_SU_B                             3.2420 
_refine.overall_SU_ML                            0.1080 
_refine.overall_SU_R_Cruickshank_DPI             0.1758 
_refine.overall_SU_R_free                        ? 
_refine.overall_FOM_free_R_set                   ? 
_refine.overall_FOM_work_R_set                   ? 
_refine.pdbx_average_fsc_overall                 ? 
_refine.pdbx_average_fsc_work                    ? 
_refine.pdbx_average_fsc_free                    ? 
# 
_refine_hist.pdbx_refine_id                   'X-RAY DIFFRACTION' 
_refine_hist.cycle_id                         final 
_refine_hist.details                          ? 
_refine_hist.d_res_high                       1.7000 
_refine_hist.d_res_low                        35.3500 
_refine_hist.number_atoms_solvent             24 
_refine_hist.number_atoms_total               553 
_refine_hist.number_reflns_all                ? 
_refine_hist.number_reflns_obs                ? 
_refine_hist.number_reflns_R_free             ? 
_refine_hist.number_reflns_R_work             ? 
_refine_hist.R_factor_all                     ? 
_refine_hist.R_factor_obs                     ? 
_refine_hist.R_factor_R_free                  ? 
_refine_hist.R_factor_R_work                  ? 
_refine_hist.pdbx_number_residues_total       24 
_refine_hist.pdbx_B_iso_mean_ligand           34.61 
_refine_hist.pdbx_B_iso_mean_solvent          41.65 
_refine_hist.pdbx_number_atoms_protein        0 
_refine_hist.pdbx_number_atoms_nucleic_acid   493 
_refine_hist.pdbx_number_atoms_ligand         36 
_refine_hist.pdbx_number_atoms_lipid          ? 
_refine_hist.pdbx_number_atoms_carb           ? 
_refine_hist.pdbx_pseudo_atom_details         ? 
# 
loop_
_refine_ls_restr.pdbx_refine_id 
_refine_ls_restr.criterion 
_refine_ls_restr.dev_ideal 
_refine_ls_restr.dev_ideal_target 
_refine_ls_restr.number 
_refine_ls_restr.rejects 
_refine_ls_restr.type 
_refine_ls_restr.weight 
_refine_ls_restr.pdbx_restraint_function 
'X-RAY DIFFRACTION' ? 0.010 0.013 593 ? r_bond_refined_d     ? ? 
'X-RAY DIFFRACTION' ? 0.003 0.019 270 ? r_bond_other_d       ? ? 
'X-RAY DIFFRACTION' ? 1.836 1.615 913 ? r_angle_refined_deg  ? ? 
'X-RAY DIFFRACTION' ? 1.460 3.000 623 ? r_angle_other_deg    ? ? 
'X-RAY DIFFRACTION' ? 0.064 0.200 72  ? r_chiral_restr       ? ? 
'X-RAY DIFFRACTION' ? 0.011 0.020 469 ? r_gen_planes_refined ? ? 
'X-RAY DIFFRACTION' ? 0.003 0.020 119 ? r_gen_planes_other   ? ? 
# 
_refine_ls_shell.pdbx_refine_id                   'X-RAY DIFFRACTION' 
_refine_ls_shell.d_res_high                       1.7030 
_refine_ls_shell.d_res_low                        1.7470 
_refine_ls_shell.number_reflns_all                475 
_refine_ls_shell.number_reflns_obs                ? 
_refine_ls_shell.number_reflns_R_free             57 
_refine_ls_shell.number_reflns_R_work             418 
_refine_ls_shell.percent_reflns_obs               96.3500 
_refine_ls_shell.percent_reflns_R_free            ? 
_refine_ls_shell.R_factor_all                     ? 
_refine_ls_shell.R_factor_obs                     ? 
_refine_ls_shell.R_factor_R_free                  0.2200 
_refine_ls_shell.R_factor_R_free_error            0.0000 
_refine_ls_shell.R_factor_R_work                  0.2880 
_refine_ls_shell.redundancy_reflns_all            ? 
_refine_ls_shell.redundancy_reflns_obs            ? 
_refine_ls_shell.wR_factor_all                    ? 
_refine_ls_shell.wR_factor_obs                    ? 
_refine_ls_shell.wR_factor_R_free                 ? 
_refine_ls_shell.wR_factor_R_work                 ? 
_refine_ls_shell.pdbx_total_number_of_bins_used   20 
_refine_ls_shell.pdbx_phase_error                 ? 
_refine_ls_shell.pdbx_fsc_work                    ? 
_refine_ls_shell.pdbx_fsc_free                    ? 
# 
_struct.entry_id                     6S15 
_struct.title                        'Pyridine derivative of the natural alkaloid Berberine as Human Telomeric G-quadruplex Binder' 
_struct.pdbx_model_details           ? 
_struct.pdbx_formula_weight          ? 
_struct.pdbx_formula_weight_method   ? 
_struct.pdbx_model_type_details      ? 
_struct.pdbx_CASP_flag               N 
# 
_struct_keywords.entry_id        6S15 
_struct_keywords.text            'DRUG-DNA COMPLEX, telomeric G-quadruplex, DNA' 
_struct_keywords.pdbx_keywords   DNA 
# 
loop_
_struct_asym.id 
_struct_asym.pdbx_blank_PDB_chainid_flag 
_struct_asym.pdbx_modified 
_struct_asym.entity_id 
_struct_asym.details 
A N N 1 ? 
B N N 1 ? 
C N N 2 ? 
D N N 2 ? 
E N N 3 ? 
F N N 4 ? 
G N N 4 ? 
# 
_struct_ref.id                         1 
_struct_ref.db_name                    PDB 
_struct_ref.db_code                    6S15 
_struct_ref.pdbx_db_accession          6S15 
_struct_ref.pdbx_db_isoform            ? 
_struct_ref.entity_id                  1 
_struct_ref.pdbx_seq_one_letter_code   ? 
_struct_ref.pdbx_align_begin           1 
# 
loop_
_struct_ref_seq.align_id 
_struct_ref_seq.ref_id 
_struct_ref_seq.pdbx_PDB_id_code 
_struct_ref_seq.pdbx_strand_id 
_struct_ref_seq.seq_align_beg 
_struct_ref_seq.pdbx_seq_align_beg_ins_code 
_struct_ref_seq.seq_align_end 
_struct_ref_seq.pdbx_seq_align_end_ins_code 
_struct_ref_seq.pdbx_db_accession 
_struct_ref_seq.db_align_beg 
_struct_ref_seq.pdbx_db_align_beg_ins_code 
_struct_ref_seq.db_align_end 
_struct_ref_seq.pdbx_db_align_end_ins_code 
_struct_ref_seq.pdbx_auth_seq_align_beg 
_struct_ref_seq.pdbx_auth_seq_align_end 
1 1 6S15 A 1 ? 12 ? 6S15 1  ? 12 ? 1  12 
2 1 6S15 B 1 ? 12 ? 6S15 13 ? 24 ? 13 24 
# 
_pdbx_struct_assembly.id                   1 
_pdbx_struct_assembly.details              author_and_software_defined_assembly 
_pdbx_struct_assembly.method_details       PISA 
_pdbx_struct_assembly.oligomeric_details   dimeric 
_pdbx_struct_assembly.oligomeric_count     2 
# 
loop_
_pdbx_struct_assembly_prop.biol_id 
_pdbx_struct_assembly_prop.type 
_pdbx_struct_assembly_prop.value 
_pdbx_struct_assembly_prop.details 
1 'ABSA (A^2)' 1890 ? 
1 MORE         -7   ? 
1 'SSA (A^2)'  4450 ? 
# 
_pdbx_struct_assembly_gen.assembly_id       1 
_pdbx_struct_assembly_gen.oper_expression   1 
_pdbx_struct_assembly_gen.asym_id_list      A,B,C,D,E,F,G 
# 
_pdbx_struct_assembly_auth_evidence.id                     1 
_pdbx_struct_assembly_auth_evidence.assembly_id            1 
_pdbx_struct_assembly_auth_evidence.experimental_support   none 
_pdbx_struct_assembly_auth_evidence.details                ? 
# 
_pdbx_struct_oper_list.id                   1 
_pdbx_struct_oper_list.type                 'identity operation' 
_pdbx_struct_oper_list.name                 1_555 
_pdbx_struct_oper_list.symmetry_operation   x,y,z 
_pdbx_struct_oper_list.matrix[1][1]         1.0000000000 
_pdbx_struct_oper_list.matrix[1][2]         0.0000000000 
_pdbx_struct_oper_list.matrix[1][3]         0.0000000000 
_pdbx_struct_oper_list.vector[1]            0.0000000000 
_pdbx_struct_oper_list.matrix[2][1]         0.0000000000 
_pdbx_struct_oper_list.matrix[2][2]         1.0000000000 
_pdbx_struct_oper_list.matrix[2][3]         0.0000000000 
_pdbx_struct_oper_list.vector[2]            0.0000000000 
_pdbx_struct_oper_list.matrix[3][1]         0.0000000000 
_pdbx_struct_oper_list.matrix[3][2]         0.0000000000 
_pdbx_struct_oper_list.matrix[3][3]         1.0000000000 
_pdbx_struct_oper_list.vector[3]            0.0000000000 
# 
loop_
_struct_conn.id 
_struct_conn.conn_type_id 
_struct_conn.pdbx_leaving_atom_flag 
_struct_conn.pdbx_PDB_id 
_struct_conn.ptnr1_label_asym_id 
_struct_conn.ptnr1_label_comp_id 
_struct_conn.ptnr1_label_seq_id 
_struct_conn.ptnr1_label_atom_id 
_struct_conn.pdbx_ptnr1_label_alt_id 
_struct_conn.pdbx_ptnr1_PDB_ins_code 
_struct_conn.pdbx_ptnr1_standard_comp_id 
_struct_conn.ptnr1_symmetry 
_struct_conn.ptnr2_label_asym_id 
_struct_conn.ptnr2_label_comp_id 
_struct_conn.ptnr2_label_seq_id 
_struct_conn.ptnr2_label_atom_id 
_struct_conn.pdbx_ptnr2_label_alt_id 
_struct_conn.pdbx_ptnr2_PDB_ins_code 
_struct_conn.ptnr1_auth_asym_id 
_struct_conn.ptnr1_auth_comp_id 
_struct_conn.ptnr1_auth_seq_id 
_struct_conn.ptnr2_auth_asym_id 
_struct_conn.ptnr2_auth_comp_id 
_struct_conn.ptnr2_auth_seq_id 
_struct_conn.ptnr2_symmetry 
_struct_conn.pdbx_ptnr3_label_atom_id 
_struct_conn.pdbx_ptnr3_label_seq_id 
_struct_conn.pdbx_ptnr3_label_comp_id 
_struct_conn.pdbx_ptnr3_label_asym_id 
_struct_conn.pdbx_ptnr3_label_alt_id 
_struct_conn.pdbx_ptnr3_PDB_ins_code 
_struct_conn.details 
_struct_conn.pdbx_dist_value 
_struct_conn.pdbx_value_order 
_struct_conn.pdbx_role 
metalc1  metalc ? ? A DG 3  O6 ? ? ? 1_555 C K  .  K  ? ? A DG 3   A K  101 1_555 ? ? ? ? ? ? ?                       2.645 ? ? 
metalc2  metalc ? ? A DG 4  O6 ? ? ? 1_555 C K  .  K  ? ? A DG 4   A K  101 1_555 ? ? ? ? ? ? ?                       2.869 ? ? 
metalc3  metalc ? ? A DG 4  O6 ? ? ? 1_555 D K  .  K  ? ? A DG 4   A K  102 1_555 ? ? ? ? ? ? ?                       2.871 ? ? 
metalc4  metalc ? ? A DG 5  O6 ? ? ? 1_555 D K  .  K  ? ? A DG 5   A K  102 1_555 ? ? ? ? ? ? ?                       2.744 ? ? 
metalc5  metalc ? ? A DG 9  O6 ? ? ? 1_555 C K  .  K  ? ? A DG 9   A K  101 1_555 ? ? ? ? ? ? ?                       2.763 ? ? 
metalc6  metalc ? ? A DG 10 O6 ? ? ? 1_555 C K  .  K  ? ? A DG 10  A K  101 1_555 ? ? ? ? ? ? ?                       2.811 ? ? 
metalc7  metalc ? ? A DG 10 O6 ? ? ? 1_555 D K  .  K  ? ? A DG 10  A K  102 1_555 ? ? ? ? ? ? ?                       2.876 ? ? 
metalc8  metalc ? ? A DG 11 O6 ? ? ? 1_555 D K  .  K  ? ? A DG 11  A K  102 1_555 ? ? ? ? ? ? ?                       2.641 ? ? 
metalc9  metalc ? ? C K  .  K  ? ? ? 1_555 B DG 3  O6 ? ? A K  101 B DG 15  1_555 ? ? ? ? ? ? ?                       2.744 ? ? 
metalc10 metalc ? ? C K  .  K  ? ? ? 1_555 B DG 4  O6 ? ? A K  101 B DG 16  1_555 ? ? ? ? ? ? ?                       2.927 ? ? 
metalc11 metalc ? ? C K  .  K  ? ? ? 1_555 B DG 9  O6 ? ? A K  101 B DG 21  1_555 ? ? ? ? ? ? ?                       2.695 ? ? 
metalc12 metalc ? ? C K  .  K  ? ? ? 1_555 B DG 10 O6 ? ? A K  101 B DG 22  1_555 ? ? ? ? ? ? ?                       2.883 ? ? 
metalc13 metalc ? ? D K  .  K  ? ? ? 1_555 B DG 4  O6 ? ? A K  102 B DG 16  1_555 ? ? ? ? ? ? ?                       2.954 ? ? 
metalc14 metalc ? ? D K  .  K  ? ? ? 1_555 B DG 5  O6 ? ? A K  102 B DG 17  1_555 ? ? ? ? ? ? ?                       2.689 ? ? 
metalc15 metalc ? ? D K  .  K  ? ? ? 1_555 B DG 10 O6 ? ? A K  102 B DG 22  1_555 ? ? ? ? ? ? ?                       2.876 ? ? 
metalc16 metalc ? ? D K  .  K  ? ? ? 1_555 B DG 11 O6 ? ? A K  102 B DG 23  1_555 ? ? ? ? ? ? ?                       2.740 ? ? 
hydrog1  hydrog ? ? A DT 1  N3 ? ? ? 1_555 B DA 2  N1 ? ? A DT 1   B DA 14  1_555 ? ? ? ? ? ? 'REVERSED WATSON-CRICK' ?     ? ? 
hydrog2  hydrog ? ? A DT 1  O2 ? ? ? 1_555 B DA 2  N6 ? ? A DT 1   B DA 14  1_555 ? ? ? ? ? ? 'REVERSED WATSON-CRICK' ?     ? ? 
hydrog3  hydrog ? ? A DA 2  N1 ? ? ? 1_555 B DT 1  N3 ? ? A DA 2   B DT 13  1_555 ? ? ? ? ? ? 'REVERSED WATSON-CRICK' ?     ? ? 
hydrog4  hydrog ? ? A DA 2  N6 ? ? ? 1_555 B DT 1  O2 ? ? A DA 2   B DT 13  1_555 ? ? ? ? ? ? 'REVERSED WATSON-CRICK' ?     ? ? 
hydrog5  hydrog ? ? A DG 3  N1 ? ? ? 1_555 A DG 9  O6 ? ? A DG 3   A DG 9   1_555 ? ? ? ? ? ? TYPE_6_PAIR             ?     ? ? 
hydrog6  hydrog ? ? A DG 3  N2 ? ? ? 1_555 A DG 9  N7 ? ? A DG 3   A DG 9   1_555 ? ? ? ? ? ? TYPE_6_PAIR             ?     ? ? 
hydrog7  hydrog ? ? A DG 3  N7 ? ? ? 1_555 B DG 9  N2 ? ? A DG 3   B DG 21  1_555 ? ? ? ? ? ? TYPE_6_PAIR             ?     ? ? 
hydrog8  hydrog ? ? A DG 3  O6 ? ? ? 1_555 B DG 9  N1 ? ? A DG 3   B DG 21  1_555 ? ? ? ? ? ? TYPE_6_PAIR             ?     ? ? 
hydrog9  hydrog ? ? A DG 4  N1 ? ? ? 1_555 A DG 10 O6 ? ? A DG 4   A DG 10  1_555 ? ? ? ? ? ? TYPE_6_PAIR             ?     ? ? 
hydrog10 hydrog ? ? A DG 4  N2 ? ? ? 1_555 A DG 10 N7 ? ? A DG 4   A DG 10  1_555 ? ? ? ? ? ? TYPE_6_PAIR             ?     ? ? 
hydrog11 hydrog ? ? A DG 4  N7 ? ? ? 1_555 B DG 10 N2 ? ? A DG 4   B DG 22  1_555 ? ? ? ? ? ? TYPE_6_PAIR             ?     ? ? 
hydrog12 hydrog ? ? A DG 4  O6 ? ? ? 1_555 B DG 10 N1 ? ? A DG 4   B DG 22  1_555 ? ? ? ? ? ? TYPE_6_PAIR             ?     ? ? 
hydrog13 hydrog ? ? A DG 5  N1 ? ? ? 1_555 A DG 11 O6 ? ? A DG 5   A DG 11  1_555 ? ? ? ? ? ? TYPE_6_PAIR             ?     ? ? 
hydrog14 hydrog ? ? A DG 5  N2 ? ? ? 1_555 A DG 11 N7 ? ? A DG 5   A DG 11  1_555 ? ? ? ? ? ? TYPE_6_PAIR             ?     ? ? 
hydrog15 hydrog ? ? A DG 5  N7 ? ? ? 1_555 B DG 11 N2 ? ? A DG 5   B DG 23  1_555 ? ? ? ? ? ? TYPE_6_PAIR             ?     ? ? 
hydrog16 hydrog ? ? A DG 5  O6 ? ? ? 1_555 B DG 11 N1 ? ? A DG 5   B DG 23  1_555 ? ? ? ? ? ? TYPE_6_PAIR             ?     ? ? 
hydrog17 hydrog ? ? A DG 9  N1 ? ? ? 1_555 B DG 3  O6 ? ? A DG 9   B DG 15  1_555 ? ? ? ? ? ? TYPE_6_PAIR             ?     ? ? 
hydrog18 hydrog ? ? A DG 9  N2 ? ? ? 1_555 B DG 3  N7 ? ? A DG 9   B DG 15  1_555 ? ? ? ? ? ? TYPE_6_PAIR             ?     ? ? 
hydrog19 hydrog ? ? A DG 10 N1 ? ? ? 1_555 B DG 4  O6 ? ? A DG 10  B DG 16  1_555 ? ? ? ? ? ? TYPE_6_PAIR             ?     ? ? 
hydrog20 hydrog ? ? A DG 10 N2 ? ? ? 1_555 B DG 4  N7 ? ? A DG 10  B DG 16  1_555 ? ? ? ? ? ? TYPE_6_PAIR             ?     ? ? 
hydrog21 hydrog ? ? A DG 11 N1 ? ? ? 1_555 B DG 5  O6 ? ? A DG 11  B DG 17  1_555 ? ? ? ? ? ? TYPE_6_PAIR             ?     ? ? 
hydrog22 hydrog ? ? A DG 11 N2 ? ? ? 1_555 B DG 5  N7 ? ? A DG 11  B DG 17  1_555 ? ? ? ? ? ? TYPE_6_PAIR             ?     ? ? 
hydrog23 hydrog ? ? B DG 3  N1 ? ? ? 1_555 B DG 9  O6 ? ? B DG 15  B DG 21  1_555 ? ? ? ? ? ? TYPE_6_PAIR             ?     ? ? 
hydrog24 hydrog ? ? B DG 3  N2 ? ? ? 1_555 B DG 9  N7 ? ? B DG 15  B DG 21  1_555 ? ? ? ? ? ? TYPE_6_PAIR             ?     ? ? 
hydrog25 hydrog ? ? B DG 4  N1 ? ? ? 1_555 B DG 10 O6 ? ? B DG 16  B DG 22  1_555 ? ? ? ? ? ? TYPE_6_PAIR             ?     ? ? 
hydrog26 hydrog ? ? B DG 4  N2 ? ? ? 1_555 B DG 10 N7 ? ? B DG 16  B DG 22  1_555 ? ? ? ? ? ? TYPE_6_PAIR             ?     ? ? 
hydrog27 hydrog ? ? B DG 5  N1 ? ? ? 1_555 B DG 11 O6 ? ? B DG 17  B DG 23  1_555 ? ? ? ? ? ? TYPE_6_PAIR             ?     ? ? 
hydrog28 hydrog ? ? B DG 5  N2 ? ? ? 1_555 B DG 11 N7 ? ? B DG 17  B DG 23  1_555 ? ? ? ? ? ? TYPE_6_PAIR             ?     ? ? 
# 
loop_
_struct_conn_type.id 
_struct_conn_type.criteria 
_struct_conn_type.reference 
metalc ? ? 
hydrog ? ? 
# 
loop_
_pdbx_struct_conn_angle.id 
_pdbx_struct_conn_angle.ptnr1_label_atom_id 
_pdbx_struct_conn_angle.ptnr1_label_alt_id 
_pdbx_struct_conn_angle.ptnr1_label_asym_id 
_pdbx_struct_conn_angle.ptnr1_label_comp_id 
_pdbx_struct_conn_angle.ptnr1_label_seq_id 
_pdbx_struct_conn_angle.ptnr1_auth_atom_id 
_pdbx_struct_conn_angle.ptnr1_auth_asym_id 
_pdbx_struct_conn_angle.ptnr1_auth_comp_id 
_pdbx_struct_conn_angle.ptnr1_auth_seq_id 
_pdbx_struct_conn_angle.ptnr1_PDB_ins_code 
_pdbx_struct_conn_angle.ptnr1_symmetry 
_pdbx_struct_conn_angle.ptnr2_label_atom_id 
_pdbx_struct_conn_angle.ptnr2_label_alt_id 
_pdbx_struct_conn_angle.ptnr2_label_asym_id 
_pdbx_struct_conn_angle.ptnr2_label_comp_id 
_pdbx_struct_conn_angle.ptnr2_label_seq_id 
_pdbx_struct_conn_angle.ptnr2_auth_atom_id 
_pdbx_struct_conn_angle.ptnr2_auth_asym_id 
_pdbx_struct_conn_angle.ptnr2_auth_comp_id 
_pdbx_struct_conn_angle.ptnr2_auth_seq_id 
_pdbx_struct_conn_angle.ptnr2_PDB_ins_code 
_pdbx_struct_conn_angle.ptnr2_symmetry 
_pdbx_struct_conn_angle.ptnr3_label_atom_id 
_pdbx_struct_conn_angle.ptnr3_label_alt_id 
_pdbx_struct_conn_angle.ptnr3_label_asym_id 
_pdbx_struct_conn_angle.ptnr3_label_comp_id 
_pdbx_struct_conn_angle.ptnr3_label_seq_id 
_pdbx_struct_conn_angle.ptnr3_auth_atom_id 
_pdbx_struct_conn_angle.ptnr3_auth_asym_id 
_pdbx_struct_conn_angle.ptnr3_auth_comp_id 
_pdbx_struct_conn_angle.ptnr3_auth_seq_id 
_pdbx_struct_conn_angle.ptnr3_PDB_ins_code 
_pdbx_struct_conn_angle.ptnr3_symmetry 
_pdbx_struct_conn_angle.value 
_pdbx_struct_conn_angle.value_esd 
1  O6 ? A DG 3  ? A DG 3  ? 1_555 K ? C K . ? A K 101 ? 1_555 O6 ? A DG 4  ? A DG 4  ? 1_555 75.9  ? 
2  O6 ? A DG 3  ? A DG 3  ? 1_555 K ? C K . ? A K 101 ? 1_555 O6 ? A DG 9  ? A DG 9  ? 1_555 74.9  ? 
3  O6 ? A DG 4  ? A DG 4  ? 1_555 K ? C K . ? A K 101 ? 1_555 O6 ? A DG 9  ? A DG 9  ? 1_555 88.2  ? 
4  O6 ? A DG 3  ? A DG 3  ? 1_555 K ? C K . ? A K 101 ? 1_555 O6 ? A DG 10 ? A DG 10 ? 1_555 133.0 ? 
5  O6 ? A DG 4  ? A DG 4  ? 1_555 K ? C K . ? A K 101 ? 1_555 O6 ? A DG 10 ? A DG 10 ? 1_555 66.9  ? 
6  O6 ? A DG 9  ? A DG 9  ? 1_555 K ? C K . ? A K 101 ? 1_555 O6 ? A DG 10 ? A DG 10 ? 1_555 76.2  ? 
7  O6 ? A DG 3  ? A DG 3  ? 1_555 K ? C K . ? A K 101 ? 1_555 O6 ? B DG 3  ? B DG 15 ? 1_555 119.3 ? 
8  O6 ? A DG 4  ? A DG 4  ? 1_555 K ? C K . ? A K 101 ? 1_555 O6 ? B DG 3  ? B DG 15 ? 1_555 151.2 ? 
9  O6 ? A DG 9  ? A DG 9  ? 1_555 K ? C K . ? A K 101 ? 1_555 O6 ? B DG 3  ? B DG 15 ? 1_555 74.1  ? 
10 O6 ? A DG 10 ? A DG 10 ? 1_555 K ? C K . ? A K 101 ? 1_555 O6 ? B DG 3  ? B DG 15 ? 1_555 86.6  ? 
11 O6 ? A DG 3  ? A DG 3  ? 1_555 K ? C K . ? A K 101 ? 1_555 O6 ? B DG 4  ? B DG 16 ? 1_555 151.8 ? 
12 O6 ? A DG 4  ? A DG 4  ? 1_555 K ? C K . ? A K 101 ? 1_555 O6 ? B DG 4  ? B DG 16 ? 1_555 104.0 ? 
13 O6 ? A DG 9  ? A DG 9  ? 1_555 K ? C K . ? A K 101 ? 1_555 O6 ? B DG 4  ? B DG 16 ? 1_555 133.1 ? 
14 O6 ? A DG 10 ? A DG 10 ? 1_555 K ? C K . ? A K 101 ? 1_555 O6 ? B DG 4  ? B DG 16 ? 1_555 68.1  ? 
15 O6 ? B DG 3  ? B DG 15 ? 1_555 K ? C K . ? A K 101 ? 1_555 O6 ? B DG 4  ? B DG 16 ? 1_555 74.4  ? 
16 O6 ? A DG 3  ? A DG 3  ? 1_555 K ? C K . ? A K 101 ? 1_555 O6 ? B DG 9  ? B DG 21 ? 1_555 75.7  ? 
17 O6 ? A DG 4  ? A DG 4  ? 1_555 K ? C K . ? A K 101 ? 1_555 O6 ? B DG 9  ? B DG 21 ? 1_555 135.7 ? 
18 O6 ? A DG 9  ? A DG 9  ? 1_555 K ? C K . ? A K 101 ? 1_555 O6 ? B DG 9  ? B DG 21 ? 1_555 116.0 ? 
19 O6 ? A DG 10 ? A DG 10 ? 1_555 K ? C K . ? A K 101 ? 1_555 O6 ? B DG 9  ? B DG 21 ? 1_555 151.1 ? 
20 O6 ? B DG 3  ? B DG 15 ? 1_555 K ? C K . ? A K 101 ? 1_555 O6 ? B DG 9  ? B DG 21 ? 1_555 73.1  ? 
21 O6 ? B DG 4  ? B DG 16 ? 1_555 K ? C K . ? A K 101 ? 1_555 O6 ? B DG 9  ? B DG 21 ? 1_555 86.4  ? 
22 O6 ? A DG 3  ? A DG 3  ? 1_555 K ? C K . ? A K 101 ? 1_555 O6 ? B DG 10 ? B DG 22 ? 1_555 89.6  ? 
23 O6 ? A DG 4  ? A DG 4  ? 1_555 K ? C K . ? A K 101 ? 1_555 O6 ? B DG 10 ? B DG 22 ? 1_555 69.9  ? 
24 O6 ? A DG 9  ? A DG 9  ? 1_555 K ? C K . ? A K 101 ? 1_555 O6 ? B DG 10 ? B DG 22 ? 1_555 155.9 ? 
25 O6 ? A DG 10 ? A DG 10 ? 1_555 K ? C K . ? A K 101 ? 1_555 O6 ? B DG 10 ? B DG 22 ? 1_555 102.9 ? 
26 O6 ? B DG 3  ? B DG 15 ? 1_555 K ? C K . ? A K 101 ? 1_555 O6 ? B DG 10 ? B DG 22 ? 1_555 130.0 ? 
27 O6 ? B DG 4  ? B DG 16 ? 1_555 K ? C K . ? A K 101 ? 1_555 O6 ? B DG 10 ? B DG 22 ? 1_555 64.9  ? 
28 O6 ? B DG 9  ? B DG 21 ? 1_555 K ? C K . ? A K 101 ? 1_555 O6 ? B DG 10 ? B DG 22 ? 1_555 76.6  ? 
29 O6 ? A DG 4  ? A DG 4  ? 1_555 K ? D K . ? A K 102 ? 1_555 O6 ? A DG 5  ? A DG 5  ? 1_555 69.4  ? 
30 O6 ? A DG 4  ? A DG 4  ? 1_555 K ? D K . ? A K 102 ? 1_555 O6 ? A DG 10 ? A DG 10 ? 1_555 66.0  ? 
31 O6 ? A DG 5  ? A DG 5  ? 1_555 K ? D K . ? A K 102 ? 1_555 O6 ? A DG 10 ? A DG 10 ? 1_555 90.6  ? 
32 O6 ? A DG 4  ? A DG 4  ? 1_555 K ? D K . ? A K 102 ? 1_555 O6 ? A DG 11 ? A DG 11 ? 1_555 126.9 ? 
33 O6 ? A DG 5  ? A DG 5  ? 1_555 K ? D K . ? A K 102 ? 1_555 O6 ? A DG 11 ? A DG 11 ? 1_555 79.3  ? 
34 O6 ? A DG 10 ? A DG 10 ? 1_555 K ? D K . ? A K 102 ? 1_555 O6 ? A DG 11 ? A DG 11 ? 1_555 72.7  ? 
35 O6 ? A DG 4  ? A DG 4  ? 1_555 K ? D K . ? A K 102 ? 1_555 O6 ? B DG 4  ? B DG 16 ? 1_555 103.3 ? 
36 O6 ? A DG 5  ? A DG 5  ? 1_555 K ? D K . ? A K 102 ? 1_555 O6 ? B DG 4  ? B DG 16 ? 1_555 157.1 ? 
37 O6 ? A DG 10 ? A DG 10 ? 1_555 K ? D K . ? A K 102 ? 1_555 O6 ? B DG 4  ? B DG 16 ? 1_555 66.9  ? 
38 O6 ? A DG 11 ? A DG 11 ? 1_555 K ? D K . ? A K 102 ? 1_555 O6 ? B DG 4  ? B DG 16 ? 1_555 89.2  ? 
39 O6 ? A DG 4  ? A DG 4  ? 1_555 K ? D K . ? A K 102 ? 1_555 O6 ? B DG 5  ? B DG 17 ? 1_555 156.8 ? 
40 O6 ? A DG 5  ? A DG 5  ? 1_555 K ? D K . ? A K 102 ? 1_555 O6 ? B DG 5  ? B DG 17 ? 1_555 124.4 ? 
41 O6 ? A DG 10 ? A DG 10 ? 1_555 K ? D K . ? A K 102 ? 1_555 O6 ? B DG 5  ? B DG 17 ? 1_555 126.8 ? 
42 O6 ? A DG 11 ? A DG 11 ? 1_555 K ? D K . ? A K 102 ? 1_555 O6 ? B DG 5  ? B DG 17 ? 1_555 76.1  ? 
43 O6 ? B DG 4  ? B DG 16 ? 1_555 K ? D K . ? A K 102 ? 1_555 O6 ? B DG 5  ? B DG 17 ? 1_555 70.6  ? 
44 O6 ? A DG 4  ? A DG 4  ? 1_555 K ? D K . ? A K 102 ? 1_555 O6 ? B DG 10 ? B DG 22 ? 1_555 70.0  ? 
45 O6 ? A DG 5  ? A DG 5  ? 1_555 K ? D K . ? A K 102 ? 1_555 O6 ? B DG 10 ? B DG 22 ? 1_555 127.8 ? 
46 O6 ? A DG 10 ? A DG 10 ? 1_555 K ? D K . ? A K 102 ? 1_555 O6 ? B DG 10 ? B DG 22 ? 1_555 101.5 ? 
47 O6 ? A DG 11 ? A DG 11 ? 1_555 K ? D K . ? A K 102 ? 1_555 O6 ? B DG 10 ? B DG 22 ? 1_555 152.8 ? 
48 O6 ? B DG 4  ? B DG 16 ? 1_555 K ? D K . ? A K 102 ? 1_555 O6 ? B DG 10 ? B DG 22 ? 1_555 64.6  ? 
49 O6 ? B DG 5  ? B DG 17 ? 1_555 K ? D K . ? A K 102 ? 1_555 O6 ? B DG 10 ? B DG 22 ? 1_555 87.5  ? 
50 O6 ? A DG 4  ? A DG 4  ? 1_555 K ? D K . ? A K 102 ? 1_555 O6 ? B DG 11 ? B DG 23 ? 1_555 93.9  ? 
51 O6 ? A DG 5  ? A DG 5  ? 1_555 K ? D K . ? A K 102 ? 1_555 O6 ? B DG 11 ? B DG 23 ? 1_555 76.9  ? 
52 O6 ? A DG 10 ? A DG 10 ? 1_555 K ? D K . ? A K 102 ? 1_555 O6 ? B DG 11 ? B DG 23 ? 1_555 159.3 ? 
53 O6 ? A DG 11 ? A DG 11 ? 1_555 K ? D K . ? A K 102 ? 1_555 O6 ? B DG 11 ? B DG 23 ? 1_555 119.9 ? 
54 O6 ? B DG 4  ? B DG 16 ? 1_555 K ? D K . ? A K 102 ? 1_555 O6 ? B DG 11 ? B DG 23 ? 1_555 125.9 ? 
55 O6 ? B DG 5  ? B DG 17 ? 1_555 K ? D K . ? A K 102 ? 1_555 O6 ? B DG 11 ? B DG 23 ? 1_555 73.8  ? 
56 O6 ? B DG 10 ? B DG 22 ? 1_555 K ? D K . ? A K 102 ? 1_555 O6 ? B DG 11 ? B DG 23 ? 1_555 74.5  ? 
# 
loop_
_struct_site.id 
_struct_site.pdbx_evidence_code 
_struct_site.pdbx_auth_asym_id 
_struct_site.pdbx_auth_comp_id 
_struct_site.pdbx_auth_seq_id 
_struct_site.pdbx_auth_ins_code 
_struct_site.pdbx_num_residues 
_struct_site.details 
AC1 Software A K   101 ? 9 'binding site for residue K A 101'   
AC2 Software A K   102 ? 9 'binding site for residue K A 102'   
AC3 Software A KQT 103 ? 9 'binding site for residue KQT A 103' 
# 
loop_
_struct_site_gen.id 
_struct_site_gen.site_id 
_struct_site_gen.pdbx_num_res 
_struct_site_gen.label_comp_id 
_struct_site_gen.label_asym_id 
_struct_site_gen.label_seq_id 
_struct_site_gen.pdbx_auth_ins_code 
_struct_site_gen.auth_comp_id 
_struct_site_gen.auth_asym_id 
_struct_site_gen.auth_seq_id 
_struct_site_gen.label_atom_id 
_struct_site_gen.label_alt_id 
_struct_site_gen.symmetry 
_struct_site_gen.details 
1  AC1 9 DG  A 3  ? DG  A 3   . ? 1_555 ? 
2  AC1 9 DG  A 4  ? DG  A 4   . ? 1_555 ? 
3  AC1 9 DG  A 9  ? DG  A 9   . ? 1_555 ? 
4  AC1 9 DG  A 10 ? DG  A 10  . ? 1_555 ? 
5  AC1 9 K   D .  ? K   A 102 . ? 1_555 ? 
6  AC1 9 DG  B 3  ? DG  B 15  . ? 1_555 ? 
7  AC1 9 DG  B 4  ? DG  B 16  . ? 1_555 ? 
8  AC1 9 DG  B 9  ? DG  B 21  . ? 1_555 ? 
9  AC1 9 DG  B 10 ? DG  B 22  . ? 1_555 ? 
10 AC2 9 DG  A 4  ? DG  A 4   . ? 1_555 ? 
11 AC2 9 DG  A 5  ? DG  A 5   . ? 1_555 ? 
12 AC2 9 DG  A 10 ? DG  A 10  . ? 1_555 ? 
13 AC2 9 DG  A 11 ? DG  A 11  . ? 1_555 ? 
14 AC2 9 K   C .  ? K   A 101 . ? 1_555 ? 
15 AC2 9 DG  B 4  ? DG  B 16  . ? 1_555 ? 
16 AC2 9 DG  B 5  ? DG  B 17  . ? 1_555 ? 
17 AC2 9 DG  B 10 ? DG  B 22  . ? 1_555 ? 
18 AC2 9 DG  B 11 ? DG  B 23  . ? 1_555 ? 
19 AC3 9 DT  A 1  ? DT  A 1   . ? 1_555 ? 
20 AC3 9 DA  A 2  ? DA  A 2   . ? 1_555 ? 
21 AC3 9 DG  A 5  ? DG  A 5   . ? 3_445 ? 
22 AC3 9 DG  A 11 ? DG  A 11  . ? 3_445 ? 
23 AC3 9 HOH F .  ? HOH A 207 . ? 1_555 ? 
24 AC3 9 DT  B 1  ? DT  B 13  . ? 1_555 ? 
25 AC3 9 DA  B 2  ? DA  B 14  . ? 1_555 ? 
26 AC3 9 DG  B 5  ? DG  B 17  . ? 3_445 ? 
27 AC3 9 DG  B 11 ? DG  B 23  . ? 3_445 ? 
# 
_pdbx_validate_symm_contact.id                1 
_pdbx_validate_symm_contact.PDB_model_num     1 
_pdbx_validate_symm_contact.auth_atom_id_1    O 
_pdbx_validate_symm_contact.auth_asym_id_1    A 
_pdbx_validate_symm_contact.auth_comp_id_1    HOH 
_pdbx_validate_symm_contact.auth_seq_id_1     205 
_pdbx_validate_symm_contact.PDB_ins_code_1    ? 
_pdbx_validate_symm_contact.label_alt_id_1    ? 
_pdbx_validate_symm_contact.site_symmetry_1   1_555 
_pdbx_validate_symm_contact.auth_atom_id_2    O 
_pdbx_validate_symm_contact.auth_asym_id_2    A 
_pdbx_validate_symm_contact.auth_comp_id_2    HOH 
_pdbx_validate_symm_contact.auth_seq_id_2     205 
_pdbx_validate_symm_contact.PDB_ins_code_2    ? 
_pdbx_validate_symm_contact.label_alt_id_2    ? 
_pdbx_validate_symm_contact.site_symmetry_2   7_645 
_pdbx_validate_symm_contact.dist              1.92 
# 
loop_
_pdbx_validate_rmsd_bond.id 
_pdbx_validate_rmsd_bond.PDB_model_num 
_pdbx_validate_rmsd_bond.auth_atom_id_1 
_pdbx_validate_rmsd_bond.auth_asym_id_1 
_pdbx_validate_rmsd_bond.auth_comp_id_1 
_pdbx_validate_rmsd_bond.auth_seq_id_1 
_pdbx_validate_rmsd_bond.PDB_ins_code_1 
_pdbx_validate_rmsd_bond.label_alt_id_1 
_pdbx_validate_rmsd_bond.auth_atom_id_2 
_pdbx_validate_rmsd_bond.auth_asym_id_2 
_pdbx_validate_rmsd_bond.auth_comp_id_2 
_pdbx_validate_rmsd_bond.auth_seq_id_2 
_pdbx_validate_rmsd_bond.PDB_ins_code_2 
_pdbx_validate_rmsd_bond.label_alt_id_2 
_pdbx_validate_rmsd_bond.bond_value 
_pdbx_validate_rmsd_bond.bond_target_value 
_pdbx_validate_rmsd_bond.bond_deviation 
_pdbx_validate_rmsd_bond.bond_standard_deviation 
_pdbx_validate_rmsd_bond.linker_flag 
1 1 C2    A DT 1  ? ? O2    A DT 1  ? ? 1.270 1.220 0.050  0.008 N 
2 1 C5    A DT 6  ? ? C6    A DT 6  ? ? 1.397 1.339 0.058  0.007 N 
3 1 C5    A DT 7  ? ? C6    A DT 7  ? ? 1.399 1.339 0.060  0.007 N 
4 1 C5    A DT 12 ? ? C6    A DT 12 ? ? 1.394 1.339 0.055  0.007 N 
5 1 "C5'" B DT 13 ? ? "C4'" B DT 13 ? ? 1.559 1.512 0.047  0.007 N 
6 1 N1    B DT 18 ? ? C2    B DT 18 ? ? 1.424 1.376 0.048  0.008 N 
7 1 C5    B DT 18 ? ? C6    B DT 18 ? ? 1.394 1.339 0.055  0.007 N 
8 1 C6    B DT 19 ? ? N1    B DT 19 ? ? 1.335 1.378 -0.043 0.007 N 
# 
loop_
_pdbx_validate_rmsd_angle.id 
_pdbx_validate_rmsd_angle.PDB_model_num 
_pdbx_validate_rmsd_angle.auth_atom_id_1 
_pdbx_validate_rmsd_angle.auth_asym_id_1 
_pdbx_validate_rmsd_angle.auth_comp_id_1 
_pdbx_validate_rmsd_angle.auth_seq_id_1 
_pdbx_validate_rmsd_angle.PDB_ins_code_1 
_pdbx_validate_rmsd_angle.label_alt_id_1 
_pdbx_validate_rmsd_angle.auth_atom_id_2 
_pdbx_validate_rmsd_angle.auth_asym_id_2 
_pdbx_validate_rmsd_angle.auth_comp_id_2 
_pdbx_validate_rmsd_angle.auth_seq_id_2 
_pdbx_validate_rmsd_angle.PDB_ins_code_2 
_pdbx_validate_rmsd_angle.label_alt_id_2 
_pdbx_validate_rmsd_angle.auth_atom_id_3 
_pdbx_validate_rmsd_angle.auth_asym_id_3 
_pdbx_validate_rmsd_angle.auth_comp_id_3 
_pdbx_validate_rmsd_angle.auth_seq_id_3 
_pdbx_validate_rmsd_angle.PDB_ins_code_3 
_pdbx_validate_rmsd_angle.label_alt_id_3 
_pdbx_validate_rmsd_angle.angle_value 
_pdbx_validate_rmsd_angle.angle_target_value 
_pdbx_validate_rmsd_angle.angle_deviation 
_pdbx_validate_rmsd_angle.angle_standard_deviation 
_pdbx_validate_rmsd_angle.linker_flag 
1  1 "O4'" A DT 1  ? ? "C1'" A DT 1  ? ? N1    A DT 1  ? ? 103.51 108.00 -4.49 0.70 N 
2  1 N3    A DT 1  ? ? C4    A DT 1  ? ? C5    A DT 1  ? ? 119.30 115.20 4.10  0.60 N 
3  1 C5    A DT 1  ? ? C4    A DT 1  ? ? O4    A DT 1  ? ? 118.40 124.90 -6.50 0.70 N 
4  1 C4    A DT 1  ? ? C5    A DT 1  ? ? C7    A DT 1  ? ? 123.20 119.00 4.20  0.60 N 
5  1 "O5'" A DT 6  ? ? P     A DT 6  ? ? OP1   A DT 6  ? ? 100.07 105.70 -5.63 0.90 N 
6  1 "O4'" A DT 6  ? ? "C1'" A DT 6  ? ? N1    A DT 6  ? ? 111.30 108.30 3.00  0.30 N 
7  1 N1    A DT 6  ? ? C2    A DT 6  ? ? N3    A DT 6  ? ? 120.20 114.60 5.60  0.60 N 
8  1 C2    A DT 6  ? ? N3    A DT 6  ? ? C4    A DT 6  ? ? 121.37 127.20 -5.83 0.60 N 
9  1 N3    A DT 6  ? ? C4    A DT 6  ? ? C5    A DT 6  ? ? 119.79 115.20 4.59  0.60 N 
10 1 C5    A DT 6  ? ? C6    A DT 6  ? ? N1    A DT 6  ? ? 119.97 123.70 -3.73 0.60 N 
11 1 C5    A DT 6  ? ? C4    A DT 6  ? ? O4    A DT 6  ? ? 119.02 124.90 -5.88 0.70 N 
12 1 "O4'" A DT 7  ? ? "C1'" A DT 7  ? ? N1    A DT 7  ? ? 111.49 108.30 3.19  0.30 N 
13 1 N1    A DT 7  ? ? C2    A DT 7  ? ? N3    A DT 7  ? ? 121.59 114.60 6.99  0.60 N 
14 1 C2    A DT 7  ? ? N3    A DT 7  ? ? C4    A DT 7  ? ? 121.77 127.20 -5.43 0.60 N 
15 1 N3    A DT 7  ? ? C2    A DT 7  ? ? O2    A DT 7  ? ? 118.10 122.30 -4.20 0.60 N 
16 1 N1    A DT 12 ? ? C2    A DT 12 ? ? N3    A DT 12 ? ? 120.76 114.60 6.16  0.60 N 
17 1 C2    A DT 12 ? ? N3    A DT 12 ? ? C4    A DT 12 ? ? 121.78 127.20 -5.42 0.60 N 
18 1 N3    A DT 12 ? ? C4    A DT 12 ? ? C5    A DT 12 ? ? 118.95 115.20 3.75  0.60 N 
19 1 C5    A DT 12 ? ? C4    A DT 12 ? ? O4    A DT 12 ? ? 120.46 124.90 -4.44 0.70 N 
20 1 "C5'" B DT 13 ? ? "C4'" B DT 13 ? ? "O4'" B DT 13 ? ? 116.81 109.80 7.01  1.10 N 
21 1 N1    B DT 13 ? ? C2    B DT 13 ? ? N3    B DT 13 ? ? 120.45 114.60 5.85  0.60 N 
22 1 C2    B DT 13 ? ? N3    B DT 13 ? ? C4    B DT 13 ? ? 119.75 127.20 -7.45 0.60 N 
23 1 N3    B DT 13 ? ? C4    B DT 13 ? ? C5    B DT 13 ? ? 120.15 115.20 4.95  0.60 N 
24 1 N3    B DT 13 ? ? C2    B DT 13 ? ? O2    B DT 13 ? ? 117.10 122.30 -5.20 0.60 N 
25 1 C5    B DT 13 ? ? C4    B DT 13 ? ? O4    B DT 13 ? ? 117.86 124.90 -7.04 0.70 N 
26 1 N1    B DT 18 ? ? C2    B DT 18 ? ? N3    B DT 18 ? ? 120.98 114.60 6.38  0.60 N 
27 1 C2    B DT 18 ? ? N3    B DT 18 ? ? C4    B DT 18 ? ? 121.13 127.20 -6.07 0.60 N 
28 1 N3    B DT 18 ? ? C4    B DT 18 ? ? C5    B DT 18 ? ? 119.81 115.20 4.61  0.60 N 
29 1 C5    B DT 18 ? ? C6    B DT 18 ? ? N1    B DT 18 ? ? 119.51 123.70 -4.19 0.60 N 
30 1 N3    B DT 18 ? ? C2    B DT 18 ? ? O2    B DT 18 ? ? 118.03 122.30 -4.27 0.60 N 
31 1 C5    B DT 18 ? ? C4    B DT 18 ? ? O4    B DT 18 ? ? 120.47 124.90 -4.43 0.70 N 
32 1 N1    B DT 19 ? ? C2    B DT 19 ? ? N3    B DT 19 ? ? 120.32 114.60 5.72  0.60 N 
33 1 C2    B DT 19 ? ? N3    B DT 19 ? ? C4    B DT 19 ? ? 121.75 127.20 -5.45 0.60 N 
34 1 N3    B DT 19 ? ? C2    B DT 19 ? ? O2    B DT 19 ? ? 117.82 122.30 -4.48 0.60 N 
35 1 C4    B DT 19 ? ? C5    B DT 19 ? ? C7    B DT 19 ? ? 122.94 119.00 3.94  0.60 N 
36 1 C6    B DT 19 ? ? C5    B DT 19 ? ? C7    B DT 19 ? ? 119.14 122.90 -3.76 0.60 N 
# 
_phasing.method   MR 
# 
_pdbx_entry_details.entry_id                 6S15 
_pdbx_entry_details.has_ligand_of_interest   Y 
_pdbx_entry_details.compound_details         ? 
_pdbx_entry_details.source_details           ? 
_pdbx_entry_details.nonpolymer_details       ? 
_pdbx_entry_details.sequence_details         ? 
# 
loop_
_chem_comp_atom.comp_id 
_chem_comp_atom.atom_id 
_chem_comp_atom.type_symbol 
_chem_comp_atom.pdbx_aromatic_flag 
_chem_comp_atom.pdbx_stereo_config 
_chem_comp_atom.pdbx_ordinal 
DA  OP3    O N N 1   
DA  P      P N N 2   
DA  OP1    O N N 3   
DA  OP2    O N N 4   
DA  "O5'"  O N N 5   
DA  "C5'"  C N N 6   
DA  "C4'"  C N R 7   
DA  "O4'"  O N N 8   
DA  "C3'"  C N S 9   
DA  "O3'"  O N N 10  
DA  "C2'"  C N N 11  
DA  "C1'"  C N R 12  
DA  N9     N Y N 13  
DA  C8     C Y N 14  
DA  N7     N Y N 15  
DA  C5     C Y N 16  
DA  C6     C Y N 17  
DA  N6     N N N 18  
DA  N1     N Y N 19  
DA  C2     C Y N 20  
DA  N3     N Y N 21  
DA  C4     C Y N 22  
DA  HOP3   H N N 23  
DA  HOP2   H N N 24  
DA  "H5'"  H N N 25  
DA  "H5''" H N N 26  
DA  "H4'"  H N N 27  
DA  "H3'"  H N N 28  
DA  "HO3'" H N N 29  
DA  "H2'"  H N N 30  
DA  "H2''" H N N 31  
DA  "H1'"  H N N 32  
DA  H8     H N N 33  
DA  H61    H N N 34  
DA  H62    H N N 35  
DA  H2     H N N 36  
DG  OP3    O N N 37  
DG  P      P N N 38  
DG  OP1    O N N 39  
DG  OP2    O N N 40  
DG  "O5'"  O N N 41  
DG  "C5'"  C N N 42  
DG  "C4'"  C N R 43  
DG  "O4'"  O N N 44  
DG  "C3'"  C N S 45  
DG  "O3'"  O N N 46  
DG  "C2'"  C N N 47  
DG  "C1'"  C N R 48  
DG  N9     N Y N 49  
DG  C8     C Y N 50  
DG  N7     N Y N 51  
DG  C5     C Y N 52  
DG  C6     C N N 53  
DG  O6     O N N 54  
DG  N1     N N N 55  
DG  C2     C N N 56  
DG  N2     N N N 57  
DG  N3     N N N 58  
DG  C4     C Y N 59  
DG  HOP3   H N N 60  
DG  HOP2   H N N 61  
DG  "H5'"  H N N 62  
DG  "H5''" H N N 63  
DG  "H4'"  H N N 64  
DG  "H3'"  H N N 65  
DG  "HO3'" H N N 66  
DG  "H2'"  H N N 67  
DG  "H2''" H N N 68  
DG  "H1'"  H N N 69  
DG  H8     H N N 70  
DG  H1     H N N 71  
DG  H21    H N N 72  
DG  H22    H N N 73  
DT  OP3    O N N 74  
DT  P      P N N 75  
DT  OP1    O N N 76  
DT  OP2    O N N 77  
DT  "O5'"  O N N 78  
DT  "C5'"  C N N 79  
DT  "C4'"  C N R 80  
DT  "O4'"  O N N 81  
DT  "C3'"  C N S 82  
DT  "O3'"  O N N 83  
DT  "C2'"  C N N 84  
DT  "C1'"  C N R 85  
DT  N1     N N N 86  
DT  C2     C N N 87  
DT  O2     O N N 88  
DT  N3     N N N 89  
DT  C4     C N N 90  
DT  O4     O N N 91  
DT  C5     C N N 92  
DT  C7     C N N 93  
DT  C6     C N N 94  
DT  HOP3   H N N 95  
DT  HOP2   H N N 96  
DT  "H5'"  H N N 97  
DT  "H5''" H N N 98  
DT  "H4'"  H N N 99  
DT  "H3'"  H N N 100 
DT  "HO3'" H N N 101 
DT  "H2'"  H N N 102 
DT  "H2''" H N N 103 
DT  "H1'"  H N N 104 
DT  H3     H N N 105 
DT  H71    H N N 106 
DT  H72    H N N 107 
DT  H73    H N N 108 
DT  H6     H N N 109 
HOH O      O N N 110 
HOH H1     H N N 111 
HOH H2     H N N 112 
K   K      K N N 113 
KQT O2     O N N 114 
KQT C2     C Y N 115 
KQT C3     C Y N 116 
KQT O3     O N N 117 
KQT C4     C Y N 118 
KQT O4     O N N 119 
KQT C5     C Y N 120 
KQT C6     C Y N 121 
KQT C1     C N N 122 
KQT O1     O N N 123 
KQT C19    C N N 124 
KQT C18    C Y N 125 
KQT C13    C Y N 126 
KQT C12    C Y N 127 
KQT C15    C Y N 128 
KQT C16    C Y N 129 
KQT C17    C Y N 130 
KQT C20    C N N 131 
KQT C11    C Y N 132 
KQT C10    C Y N 133 
KQT N1     N Y N 134 
KQT C14    C Y N 135 
KQT C7     C Y N 136 
KQT C8     C N N 137 
KQT C9     C N N 138 
KQT C21    C N N 139 
KQT C22    C N N 140 
KQT C23    C N N 141 
KQT C25    C Y N 142 
KQT C26    C Y N 143 
KQT C27    C Y N 144 
KQT N2     N Y N 145 
KQT C29    C Y N 146 
KQT C30    C Y N 147 
KQT H1     H N N 148 
KQT H2     H N N 149 
KQT H3     H N N 150 
KQT H4     H N N 151 
KQT H5     H N N 152 
KQT H6     H N N 153 
KQT H7     H N N 154 
KQT H8     H N N 155 
KQT H9     H N N 156 
KQT H10    H N N 157 
KQT H11    H N N 158 
KQT H12    H N N 159 
KQT H13    H N N 160 
KQT H14    H N N 161 
KQT H15    H N N 162 
KQT H16    H N N 163 
KQT H17    H N N 164 
KQT H18    H N N 165 
KQT H19    H N N 166 
KQT H20    H N N 167 
KQT H21    H N N 168 
KQT H22    H N N 169 
KQT H23    H N N 170 
KQT H24    H N N 171 
KQT H25    H N N 172 
KQT H26    H N N 173 
KQT H28    H N N 174 
# 
loop_
_chem_comp_bond.comp_id 
_chem_comp_bond.atom_id_1 
_chem_comp_bond.atom_id_2 
_chem_comp_bond.value_order 
_chem_comp_bond.pdbx_aromatic_flag 
_chem_comp_bond.pdbx_stereo_config 
_chem_comp_bond.pdbx_ordinal 
DA  OP3   P      sing N N 1   
DA  OP3   HOP3   sing N N 2   
DA  P     OP1    doub N N 3   
DA  P     OP2    sing N N 4   
DA  P     "O5'"  sing N N 5   
DA  OP2   HOP2   sing N N 6   
DA  "O5'" "C5'"  sing N N 7   
DA  "C5'" "C4'"  sing N N 8   
DA  "C5'" "H5'"  sing N N 9   
DA  "C5'" "H5''" sing N N 10  
DA  "C4'" "O4'"  sing N N 11  
DA  "C4'" "C3'"  sing N N 12  
DA  "C4'" "H4'"  sing N N 13  
DA  "O4'" "C1'"  sing N N 14  
DA  "C3'" "O3'"  sing N N 15  
DA  "C3'" "C2'"  sing N N 16  
DA  "C3'" "H3'"  sing N N 17  
DA  "O3'" "HO3'" sing N N 18  
DA  "C2'" "C1'"  sing N N 19  
DA  "C2'" "H2'"  sing N N 20  
DA  "C2'" "H2''" sing N N 21  
DA  "C1'" N9     sing N N 22  
DA  "C1'" "H1'"  sing N N 23  
DA  N9    C8     sing Y N 24  
DA  N9    C4     sing Y N 25  
DA  C8    N7     doub Y N 26  
DA  C8    H8     sing N N 27  
DA  N7    C5     sing Y N 28  
DA  C5    C6     sing Y N 29  
DA  C5    C4     doub Y N 30  
DA  C6    N6     sing N N 31  
DA  C6    N1     doub Y N 32  
DA  N6    H61    sing N N 33  
DA  N6    H62    sing N N 34  
DA  N1    C2     sing Y N 35  
DA  C2    N3     doub Y N 36  
DA  C2    H2     sing N N 37  
DA  N3    C4     sing Y N 38  
DG  OP3   P      sing N N 39  
DG  OP3   HOP3   sing N N 40  
DG  P     OP1    doub N N 41  
DG  P     OP2    sing N N 42  
DG  P     "O5'"  sing N N 43  
DG  OP2   HOP2   sing N N 44  
DG  "O5'" "C5'"  sing N N 45  
DG  "C5'" "C4'"  sing N N 46  
DG  "C5'" "H5'"  sing N N 47  
DG  "C5'" "H5''" sing N N 48  
DG  "C4'" "O4'"  sing N N 49  
DG  "C4'" "C3'"  sing N N 50  
DG  "C4'" "H4'"  sing N N 51  
DG  "O4'" "C1'"  sing N N 52  
DG  "C3'" "O3'"  sing N N 53  
DG  "C3'" "C2'"  sing N N 54  
DG  "C3'" "H3'"  sing N N 55  
DG  "O3'" "HO3'" sing N N 56  
DG  "C2'" "C1'"  sing N N 57  
DG  "C2'" "H2'"  sing N N 58  
DG  "C2'" "H2''" sing N N 59  
DG  "C1'" N9     sing N N 60  
DG  "C1'" "H1'"  sing N N 61  
DG  N9    C8     sing Y N 62  
DG  N9    C4     sing Y N 63  
DG  C8    N7     doub Y N 64  
DG  C8    H8     sing N N 65  
DG  N7    C5     sing Y N 66  
DG  C5    C6     sing N N 67  
DG  C5    C4     doub Y N 68  
DG  C6    O6     doub N N 69  
DG  C6    N1     sing N N 70  
DG  N1    C2     sing N N 71  
DG  N1    H1     sing N N 72  
DG  C2    N2     sing N N 73  
DG  C2    N3     doub N N 74  
DG  N2    H21    sing N N 75  
DG  N2    H22    sing N N 76  
DG  N3    C4     sing N N 77  
DT  OP3   P      sing N N 78  
DT  OP3   HOP3   sing N N 79  
DT  P     OP1    doub N N 80  
DT  P     OP2    sing N N 81  
DT  P     "O5'"  sing N N 82  
DT  OP2   HOP2   sing N N 83  
DT  "O5'" "C5'"  sing N N 84  
DT  "C5'" "C4'"  sing N N 85  
DT  "C5'" "H5'"  sing N N 86  
DT  "C5'" "H5''" sing N N 87  
DT  "C4'" "O4'"  sing N N 88  
DT  "C4'" "C3'"  sing N N 89  
DT  "C4'" "H4'"  sing N N 90  
DT  "O4'" "C1'"  sing N N 91  
DT  "C3'" "O3'"  sing N N 92  
DT  "C3'" "C2'"  sing N N 93  
DT  "C3'" "H3'"  sing N N 94  
DT  "O3'" "HO3'" sing N N 95  
DT  "C2'" "C1'"  sing N N 96  
DT  "C2'" "H2'"  sing N N 97  
DT  "C2'" "H2''" sing N N 98  
DT  "C1'" N1     sing N N 99  
DT  "C1'" "H1'"  sing N N 100 
DT  N1    C2     sing N N 101 
DT  N1    C6     sing N N 102 
DT  C2    O2     doub N N 103 
DT  C2    N3     sing N N 104 
DT  N3    C4     sing N N 105 
DT  N3    H3     sing N N 106 
DT  C4    O4     doub N N 107 
DT  C4    C5     sing N N 108 
DT  C5    C7     sing N N 109 
DT  C5    C6     doub N N 110 
DT  C7    H71    sing N N 111 
DT  C7    H72    sing N N 112 
DT  C7    H73    sing N N 113 
DT  C6    H6     sing N N 114 
HOH O     H1     sing N N 115 
HOH O     H2     sing N N 116 
KQT C19   O3     sing N N 117 
KQT C8    C5     sing N N 118 
KQT C8    C9     sing N N 119 
KQT C4    C5     doub Y N 120 
KQT C4    C2     sing Y N 121 
KQT C5    C6     sing Y N 122 
KQT C21   C11    sing N N 123 
KQT C21   C22    sing N N 124 
KQT O2    C2     sing N N 125 
KQT O2    C1     sing N N 126 
KQT C16   C15    doub Y N 127 
KQT C16   C17    sing Y N 128 
KQT C15   C12    sing Y N 129 
KQT C2    C3     doub Y N 130 
KQT C20   O4     sing N N 131 
KQT C11   C12    doub Y N 132 
KQT C11   C10    sing Y N 133 
KQT N2    C29    doub Y N 134 
KQT N2    C27    sing Y N 135 
KQT C12   C13    sing Y N 136 
KQT C17   O4     sing N N 137 
KQT C17   C18    doub Y N 138 
KQT C10   C6     sing N N 139 
KQT C10   N1     doub Y N 140 
KQT C6    C7     doub Y N 141 
KQT C29   C30    sing Y N 142 
KQT C27   C26    doub Y N 143 
KQT C13   C18    sing Y N 144 
KQT C13   C14    doub Y N 145 
KQT C18   O3     sing N N 146 
KQT N1    C14    sing Y N 147 
KQT N1    C9     sing N N 148 
KQT C1    O1     sing N N 149 
KQT C3    C7     sing Y N 150 
KQT C3    O1     sing N N 151 
KQT C26   C25    sing Y N 152 
KQT C30   C25    doub Y N 153 
KQT C25   C23    sing N N 154 
KQT C23   C22    sing N N 155 
KQT C4    H1     sing N N 156 
KQT C1    H2     sing N N 157 
KQT C19   H3     sing N N 158 
KQT C19   H4     sing N N 159 
KQT C19   H5     sing N N 160 
KQT C15   H6     sing N N 161 
KQT C16   H7     sing N N 162 
KQT C20   H8     sing N N 163 
KQT C20   H9     sing N N 164 
KQT C20   H10    sing N N 165 
KQT C14   H11    sing N N 166 
KQT C7    H12    sing N N 167 
KQT C8    H13    sing N N 168 
KQT C8    H14    sing N N 169 
KQT C9    H15    sing N N 170 
KQT C9    H16    sing N N 171 
KQT C21   H17    sing N N 172 
KQT C21   H18    sing N N 173 
KQT C22   H19    sing N N 174 
KQT C22   H20    sing N N 175 
KQT C23   H21    sing N N 176 
KQT C23   H22    sing N N 177 
KQT C26   H23    sing N N 178 
KQT C27   H24    sing N N 179 
KQT C29   H25    sing N N 180 
KQT C30   H26    sing N N 181 
KQT C1    H28    sing N N 182 
# 
loop_
_ndb_struct_conf_na.entry_id 
_ndb_struct_conf_na.feature 
6S15 'double helix'         
6S15 'parallel strands'     
6S15 'mismatched base pair' 
# 
loop_
_ndb_struct_na_base_pair.model_number 
_ndb_struct_na_base_pair.i_label_asym_id 
_ndb_struct_na_base_pair.i_label_comp_id 
_ndb_struct_na_base_pair.i_label_seq_id 
_ndb_struct_na_base_pair.i_symmetry 
_ndb_struct_na_base_pair.j_label_asym_id 
_ndb_struct_na_base_pair.j_label_comp_id 
_ndb_struct_na_base_pair.j_label_seq_id 
_ndb_struct_na_base_pair.j_symmetry 
_ndb_struct_na_base_pair.shear 
_ndb_struct_na_base_pair.stretch 
_ndb_struct_na_base_pair.stagger 
_ndb_struct_na_base_pair.buckle 
_ndb_struct_na_base_pair.propeller 
_ndb_struct_na_base_pair.opening 
_ndb_struct_na_base_pair.pair_number 
_ndb_struct_na_base_pair.pair_name 
_ndb_struct_na_base_pair.i_auth_asym_id 
_ndb_struct_na_base_pair.i_auth_seq_id 
_ndb_struct_na_base_pair.i_PDB_ins_code 
_ndb_struct_na_base_pair.j_auth_asym_id 
_ndb_struct_na_base_pair.j_auth_seq_id 
_ndb_struct_na_base_pair.j_PDB_ins_code 
_ndb_struct_na_base_pair.hbond_type_28 
_ndb_struct_na_base_pair.hbond_type_12 
1 A DT 1 1_555 B DA 2 1_555 -0.217 -0.633 0.355  -15.037 2.762  -174.511 1 A_DT1:DA14_B A 1 ? B 14 ? 21 2 
1 A DG 9 1_555 B DG 3 1_555 1.754  3.315  -0.074 -0.438  -3.466 -89.369  2 A_DG9:DG15_B A 9 ? B 15 ? 6  3 
1 A DG 3 1_555 B DG 9 1_555 -1.737 -3.312 0.247  -1.647  5.402  90.440   3 A_DG3:DG21_B A 3 ? B 21 ? 6  3 
1 A DA 2 1_555 B DT 1 1_555 0.105  0.908  -0.336 6.005   -5.420 172.930  4 A_DA2:DT13_B A 2 ? B 13 ? 21 2 
# 
loop_
_ndb_struct_na_base_pair_step.model_number 
_ndb_struct_na_base_pair_step.i_label_asym_id_1 
_ndb_struct_na_base_pair_step.i_label_comp_id_1 
_ndb_struct_na_base_pair_step.i_label_seq_id_1 
_ndb_struct_na_base_pair_step.i_symmetry_1 
_ndb_struct_na_base_pair_step.j_label_asym_id_1 
_ndb_struct_na_base_pair_step.j_label_comp_id_1 
_ndb_struct_na_base_pair_step.j_label_seq_id_1 
_ndb_struct_na_base_pair_step.j_symmetry_1 
_ndb_struct_na_base_pair_step.i_label_asym_id_2 
_ndb_struct_na_base_pair_step.i_label_comp_id_2 
_ndb_struct_na_base_pair_step.i_label_seq_id_2 
_ndb_struct_na_base_pair_step.i_symmetry_2 
_ndb_struct_na_base_pair_step.j_label_asym_id_2 
_ndb_struct_na_base_pair_step.j_label_comp_id_2 
_ndb_struct_na_base_pair_step.j_label_seq_id_2 
_ndb_struct_na_base_pair_step.j_symmetry_2 
_ndb_struct_na_base_pair_step.shift 
_ndb_struct_na_base_pair_step.slide 
_ndb_struct_na_base_pair_step.rise 
_ndb_struct_na_base_pair_step.tilt 
_ndb_struct_na_base_pair_step.roll 
_ndb_struct_na_base_pair_step.twist 
_ndb_struct_na_base_pair_step.x_displacement 
_ndb_struct_na_base_pair_step.y_displacement 
_ndb_struct_na_base_pair_step.helical_rise 
_ndb_struct_na_base_pair_step.inclination 
_ndb_struct_na_base_pair_step.tip 
_ndb_struct_na_base_pair_step.helical_twist 
_ndb_struct_na_base_pair_step.step_number 
_ndb_struct_na_base_pair_step.step_name 
_ndb_struct_na_base_pair_step.i_auth_asym_id_1 
_ndb_struct_na_base_pair_step.i_auth_seq_id_1 
_ndb_struct_na_base_pair_step.i_PDB_ins_code_1 
_ndb_struct_na_base_pair_step.j_auth_asym_id_1 
_ndb_struct_na_base_pair_step.j_auth_seq_id_1 
_ndb_struct_na_base_pair_step.j_PDB_ins_code_1 
_ndb_struct_na_base_pair_step.i_auth_asym_id_2 
_ndb_struct_na_base_pair_step.i_auth_seq_id_2 
_ndb_struct_na_base_pair_step.i_PDB_ins_code_2 
_ndb_struct_na_base_pair_step.j_auth_asym_id_2 
_ndb_struct_na_base_pair_step.j_auth_seq_id_2 
_ndb_struct_na_base_pair_step.j_PDB_ins_code_2 
1 A DT 1 1_555 B DA 2 1_555 A DG 9 1_555 B DG 3 1_555 0.287  2.742  3.081 2.558  -3.167 75.589  2.323  -0.163 2.988 -2.582 -2.086 
75.682  1 AA_DT1DG9:DG15DA14_BB A 1 ? B 14 ? A 9 ? B 15 ? 
1 A DG 9 1_555 B DG 3 1_555 A DG 3 1_555 B DG 9 1_555 -1.699 -3.335 0.005 -1.632 4.585  179.427 -1.668 0.850  0.004 2.292  0.816  
179.428 2 AA_DG9DG3:DG21DG15_BB A 9 ? B 15 ? A 3 ? B 21 ? 
# 
_pdbx_initial_refinement_model.id               1 
_pdbx_initial_refinement_model.entity_id_list   ? 
_pdbx_initial_refinement_model.type             'experimental model' 
_pdbx_initial_refinement_model.source_name      PDB 
_pdbx_initial_refinement_model.accession_code   5CDB 
_pdbx_initial_refinement_model.details          ? 
# 
_atom_sites.entry_id                    6S15 
_atom_sites.Cartn_transf_matrix[1][1]   ? 
_atom_sites.Cartn_transf_matrix[1][2]   ? 
_atom_sites.Cartn_transf_matrix[1][3]   ? 
_atom_sites.Cartn_transf_matrix[2][1]   ? 
_atom_sites.Cartn_transf_matrix[2][2]   ? 
_atom_sites.Cartn_transf_matrix[2][3]   ? 
_atom_sites.Cartn_transf_matrix[3][1]   ? 
_atom_sites.Cartn_transf_matrix[3][2]   ? 
_atom_sites.Cartn_transf_matrix[3][3]   ? 
_atom_sites.Cartn_transf_vector[1]      ? 
_atom_sites.Cartn_transf_vector[2]      ? 
_atom_sites.Cartn_transf_vector[3]      ? 
_atom_sites.fract_transf_matrix[1][1]   -0.02276656 
_atom_sites.fract_transf_matrix[1][2]   0.00788624 
_atom_sites.fract_transf_matrix[1][3]   -0.00267686 
_atom_sites.fract_transf_matrix[2][1]   0.00800450 
_atom_sites.fract_transf_matrix[2][2]   0.01856940 
_atom_sites.fract_transf_matrix[2][3]   -0.01337087 
_atom_sites.fract_transf_matrix[3][1]   -0.00138256 
_atom_sites.fract_transf_matrix[3][2]   -0.00808220 
_atom_sites.fract_transf_matrix[3][3]   -0.01205220 
_atom_sites.fract_transf_vector[1]      -0.027336 
_atom_sites.fract_transf_vector[2]      -0.509712 
_atom_sites.fract_transf_vector[3]      -0.054527 
_atom_sites.solution_primary            ? 
_atom_sites.solution_secondary          ? 
_atom_sites.solution_hydrogens          ? 
_atom_sites.special_details             ? 
# 
loop_
_atom_type.symbol 
C 
K 
N 
O 
P 
# 
loop_
_atom_site.group_PDB 
_atom_site.id 
_atom_site.type_symbol 
_atom_site.label_atom_id 
_atom_site.label_alt_id 
_atom_site.label_comp_id 
_atom_site.label_asym_id 
_atom_site.label_entity_id 
_atom_site.label_seq_id 
_atom_site.pdbx_PDB_ins_code 
_atom_site.Cartn_x 
_atom_site.Cartn_y 
_atom_site.Cartn_z 
_atom_site.occupancy 
_atom_site.B_iso_or_equiv 
_atom_site.pdbx_formal_charge 
_atom_site.auth_seq_id 
_atom_site.auth_comp_id 
_atom_site.auth_asym_id 
_atom_site.auth_atom_id 
_atom_site.pdbx_PDB_model_num 
ATOM   1   C "C5'" . DT  A 1 1  ? 7.425   -2.395  -8.704  1.00 36.03 ? 1   DT  A "C5'" 1 
ATOM   2   C "C4'" . DT  A 1 1  ? 5.990   -1.894  -8.495  1.00 32.06 ? 1   DT  A "C4'" 1 
ATOM   3   O "O4'" . DT  A 1 1  ? 5.269   -2.734  -7.584  1.00 32.46 ? 1   DT  A "O4'" 1 
ATOM   4   C "C3'" . DT  A 1 1  ? 5.957   -0.513  -7.883  1.00 32.25 ? 1   DT  A "C3'" 1 
ATOM   5   O "O3'" . DT  A 1 1  ? 4.882   0.272   -8.421  1.00 35.14 ? 1   DT  A "O3'" 1 
ATOM   6   C "C2'" . DT  A 1 1  ? 5.668   -0.714  -6.405  1.00 31.19 ? 1   DT  A "C2'" 1 
ATOM   7   C "C1'" . DT  A 1 1  ? 4.799   -1.944  -6.450  1.00 30.82 ? 1   DT  A "C1'" 1 
ATOM   8   N N1    . DT  A 1 1  ? 4.882   -2.866  -5.339  1.00 31.19 ? 1   DT  A N1    1 
ATOM   9   C C2    . DT  A 1 1  ? 3.728   -3.444  -4.760  1.00 30.03 ? 1   DT  A C2    1 
ATOM   10  O O2    . DT  A 1 1  ? 2.550   -3.104  -5.089  1.00 29.05 ? 1   DT  A O2    1 
ATOM   11  N N3    . DT  A 1 1  ? 3.930   -4.348  -3.794  1.00 33.10 ? 1   DT  A N3    1 
ATOM   12  C C4    . DT  A 1 1  ? 5.167   -4.738  -3.371  1.00 33.88 ? 1   DT  A C4    1 
ATOM   13  O O4    . DT  A 1 1  ? 5.326   -5.585  -2.469  1.00 39.65 ? 1   DT  A O4    1 
ATOM   14  C C5    . DT  A 1 1  ? 6.358   -4.133  -3.979  1.00 34.77 ? 1   DT  A C5    1 
ATOM   15  C C7    . DT  A 1 1  ? 7.773   -4.523  -3.598  1.00 36.09 ? 1   DT  A C7    1 
ATOM   16  C C6    . DT  A 1 1  ? 6.132   -3.227  -4.979  1.00 31.06 ? 1   DT  A C6    1 
ATOM   17  P P     . DA  A 1 2  ? 5.103   1.183   -9.723  1.00 36.01 ? 2   DA  A P     1 
ATOM   18  O OP1   . DA  A 1 2  ? 5.166   0.298   -10.911 1.00 38.22 ? 2   DA  A OP1   1 
ATOM   19  O OP2   . DA  A 1 2  ? 6.197   2.140   -9.470  1.00 39.65 ? 2   DA  A OP2   1 
ATOM   20  O "O5'" . DA  A 1 2  ? 3.762   2.044   -9.747  1.00 33.75 ? 2   DA  A "O5'" 1 
ATOM   21  C "C5'" . DA  A 1 2  ? 3.182   2.531   -10.947 1.00 34.87 ? 2   DA  A "C5'" 1 
ATOM   22  C "C4'" . DA  A 1 2  ? 1.964   3.348   -10.608 1.00 34.93 ? 2   DA  A "C4'" 1 
ATOM   23  O "O4'" . DA  A 1 2  ? 0.994   2.540   -9.905  1.00 31.93 ? 2   DA  A "O4'" 1 
ATOM   24  C "C3'" . DA  A 1 2  ? 2.209   4.552   -9.709  1.00 36.21 ? 2   DA  A "C3'" 1 
ATOM   25  O "O3'" . DA  A 1 2  ? 1.219   5.496   -10.073 1.00 37.61 ? 2   DA  A "O3'" 1 
ATOM   26  C "C2'" . DA  A 1 2  ? 2.011   3.973   -8.312  1.00 34.43 ? 2   DA  A "C2'" 1 
ATOM   27  C "C1'" . DA  A 1 2  ? 0.883   2.969   -8.554  1.00 32.93 ? 2   DA  A "C1'" 1 
ATOM   28  N N9    . DA  A 1 2  ? 0.936   1.780   -7.701  1.00 28.00 ? 2   DA  A N9    1 
ATOM   29  C C8    . DA  A 1 2  ? 2.065   1.116   -7.286  1.00 27.76 ? 2   DA  A C8    1 
ATOM   30  N N7    . DA  A 1 2  ? 1.816   0.056   -6.553  1.00 29.61 ? 2   DA  A N7    1 
ATOM   31  C C5    . DA  A 1 2  ? 0.431   0.007   -6.501  1.00 25.40 ? 2   DA  A C5    1 
ATOM   32  C C6    . DA  A 1 2  ? -0.457  -0.887  -5.886  1.00 24.67 ? 2   DA  A C6    1 
ATOM   33  N N6    . DA  A 1 2  ? -0.061  -1.940  -5.164  1.00 29.74 ? 2   DA  A N6    1 
ATOM   34  N N1    . DA  A 1 2  ? -1.778  -0.638  -5.998  1.00 23.23 ? 2   DA  A N1    1 
ATOM   35  C C2    . DA  A 1 2  ? -2.175  0.418   -6.725  1.00 26.66 ? 2   DA  A C2    1 
ATOM   36  N N3    . DA  A 1 2  ? -1.436  1.330   -7.357  1.00 25.20 ? 2   DA  A N3    1 
ATOM   37  C C4    . DA  A 1 2  ? -0.126  1.059   -7.211  1.00 26.65 ? 2   DA  A C4    1 
ATOM   38  P P     . DG  A 1 3  ? 1.274   6.982   -9.500  1.00 43.34 ? 3   DG  A P     1 
ATOM   39  O OP1   . DG  A 1 3  ? 0.916   7.893   -10.616 1.00 37.41 ? 3   DG  A OP1   1 
ATOM   40  O OP2   . DG  A 1 3  ? 2.561   7.156   -8.770  1.00 37.83 ? 3   DG  A OP2   1 
ATOM   41  O "O5'" . DG  A 1 3  ? 0.037   7.033   -8.494  1.00 38.08 ? 3   DG  A "O5'" 1 
ATOM   42  C "C5'" . DG  A 1 3  ? -1.317  6.996   -9.000  1.00 34.99 ? 3   DG  A "C5'" 1 
ATOM   43  C "C4'" . DG  A 1 3  ? -2.313  6.785   -7.881  1.00 35.10 ? 3   DG  A "C4'" 1 
ATOM   44  O "O4'" . DG  A 1 3  ? -2.097  5.481   -7.271  1.00 29.35 ? 3   DG  A "O4'" 1 
ATOM   45  C "C3'" . DG  A 1 3  ? -2.300  7.810   -6.743  1.00 33.59 ? 3   DG  A "C3'" 1 
ATOM   46  O "O3'" . DG  A 1 3  ? -3.651  8.256   -6.586  1.00 35.97 ? 3   DG  A "O3'" 1 
ATOM   47  C "C2'" . DG  A 1 3  ? -1.733  7.020   -5.556  1.00 29.51 ? 3   DG  A "C2'" 1 
ATOM   48  C "C1'" . DG  A 1 3  ? -2.203  5.601   -5.867  1.00 26.19 ? 3   DG  A "C1'" 1 
ATOM   49  N N9    . DG  A 1 3  ? -1.382  4.552   -5.257  1.00 22.50 ? 3   DG  A N9    1 
ATOM   50  C C8    . DG  A 1 3  ? -0.019  4.425   -5.311  1.00 23.94 ? 3   DG  A C8    1 
ATOM   51  N N7    . DG  A 1 3  ? 0.423   3.360   -4.695  1.00 20.94 ? 3   DG  A N7    1 
ATOM   52  C C5    . DG  A 1 3  ? -0.725  2.727   -4.242  1.00 22.29 ? 3   DG  A C5    1 
ATOM   53  C C6    . DG  A 1 3  ? -0.883  1.525   -3.511  1.00 21.37 ? 3   DG  A C6    1 
ATOM   54  O O6    . DG  A 1 3  ? -0.003  0.758   -3.085  1.00 20.17 ? 3   DG  A O6    1 
ATOM   55  N N1    . DG  A 1 3  ? -2.225  1.254   -3.256  1.00 20.48 ? 3   DG  A N1    1 
ATOM   56  C C2    . DG  A 1 3  ? -3.278  2.049   -3.651  1.00 21.90 ? 3   DG  A C2    1 
ATOM   57  N N2    . DG  A 1 3  ? -4.494  1.622   -3.338  1.00 23.64 ? 3   DG  A N2    1 
ATOM   58  N N3    . DG  A 1 3  ? -3.142  3.168   -4.343  1.00 20.50 ? 3   DG  A N3    1 
ATOM   59  C C4    . DG  A 1 3  ? -1.852  3.435   -4.613  1.00 20.77 ? 3   DG  A C4    1 
ATOM   60  P P     . DG  A 1 4  ? -4.057  9.337   -5.457  1.00 37.00 ? 4   DG  A P     1 
ATOM   61  O OP1   . DG  A 1 4  ? -5.116  10.210  -6.019  1.00 38.78 ? 4   DG  A OP1   1 
ATOM   62  O OP2   . DG  A 1 4  ? -2.836  9.949   -4.914  1.00 35.54 ? 4   DG  A OP2   1 
ATOM   63  O "O5'" . DG  A 1 4  ? -4.803  8.440   -4.375  1.00 36.11 ? 4   DG  A "O5'" 1 
ATOM   64  C "C5'" . DG  A 1 4  ? -5.938  7.631   -4.734  1.00 33.62 ? 4   DG  A "C5'" 1 
ATOM   65  C "C4'" . DG  A 1 4  ? -6.558  7.044   -3.493  1.00 31.67 ? 4   DG  A "C4'" 1 
ATOM   66  O "O4'" . DG  A 1 4  ? -5.789  5.873   -3.102  1.00 27.95 ? 4   DG  A "O4'" 1 
ATOM   67  C "C3'" . DG  A 1 4  ? -6.584  7.970   -2.277  1.00 29.46 ? 4   DG  A "C3'" 1 
ATOM   68  O "O3'" . DG  A 1 4  ? -7.876  7.891   -1.695  1.00 30.52 ? 4   DG  A "O3'" 1 
ATOM   69  C "C2'" . DG  A 1 4  ? -5.460  7.433   -1.389  1.00 27.46 ? 4   DG  A "C2'" 1 
ATOM   70  C "C1'" . DG  A 1 4  ? -5.497  5.944   -1.716  1.00 24.41 ? 4   DG  A "C1'" 1 
ATOM   71  N N9    . DG  A 1 4  ? -4.234  5.251   -1.485  1.00 20.22 ? 4   DG  A N9    1 
ATOM   72  C C8    . DG  A 1 4  ? -2.998  5.633   -1.929  1.00 20.00 ? 4   DG  A C8    1 
ATOM   73  N N7    . DG  A 1 4  ? -2.047  4.813   -1.575  1.00 21.93 ? 4   DG  A N7    1 
ATOM   74  C C5    . DG  A 1 4  ? -2.703  3.812   -0.875  1.00 21.46 ? 4   DG  A C5    1 
ATOM   75  C C6    . DG  A 1 4  ? -2.197  2.658   -0.251  1.00 19.98 ? 4   DG  A C6    1 
ATOM   76  O O6    . DG  A 1 4  ? -1.022  2.255   -0.213  1.00 20.33 ? 4   DG  A O6    1 
ATOM   77  N N1    . DG  A 1 4  ? -3.216  1.900   0.325   1.00 19.86 ? 4   DG  A N1    1 
ATOM   78  C C2    . DG  A 1 4  ? -4.545  2.252   0.350   1.00 21.03 ? 4   DG  A C2    1 
ATOM   79  N N2    . DG  A 1 4  ? -5.373  1.403   0.989   1.00 22.68 ? 4   DG  A N2    1 
ATOM   80  N N3    . DG  A 1 4  ? -5.031  3.336   -0.231  1.00 23.63 ? 4   DG  A N3    1 
ATOM   81  C C4    . DG  A 1 4  ? -4.062  4.057   -0.834  1.00 19.09 ? 4   DG  A C4    1 
ATOM   82  P P     . DG  A 1 5  ? -8.278  8.845   -0.484  1.00 33.12 ? 5   DG  A P     1 
ATOM   83  O OP1   . DG  A 1 5  ? -9.680  9.309   -0.723  1.00 35.78 ? 5   DG  A OP1   1 
ATOM   84  O OP2   . DG  A 1 5  ? -7.203  9.842   -0.273  1.00 33.49 ? 5   DG  A OP2   1 
ATOM   85  O "O5'" . DG  A 1 5  ? -8.276  7.832   0.738   1.00 31.86 ? 5   DG  A "O5'" 1 
ATOM   86  C "C5'" . DG  A 1 5  ? -9.224  6.752   0.793   1.00 31.04 ? 5   DG  A "C5'" 1 
ATOM   87  C "C4'" . DG  A 1 5  ? -9.173  6.121   2.155   1.00 31.41 ? 5   DG  A "C4'" 1 
ATOM   88  O "O4'" . DG  A 1 5  ? -8.001  5.255   2.201   1.00 30.85 ? 5   DG  A "O4'" 1 
ATOM   89  C "C3'" . DG  A 1 5  ? -9.041  7.106   3.319   1.00 32.18 ? 5   DG  A "C3'" 1 
ATOM   90  O "O3'" . DG  A 1 5  ? -9.879  6.796   4.430   1.00 39.79 ? 5   DG  A "O3'" 1 
ATOM   91  C "C2'" . DG  A 1 5  ? -7.558  7.006   3.686   1.00 29.20 ? 5   DG  A "C2'" 1 
ATOM   92  C "C1'" . DG  A 1 5  ? -7.257  5.541   3.362   1.00 26.13 ? 5   DG  A "C1'" 1 
ATOM   93  N N9    . DG  A 1 5  ? -5.850  5.296   3.052   1.00 22.16 ? 5   DG  A N9    1 
ATOM   94  C C8    . DG  A 1 5  ? -5.054  6.103   2.286   1.00 22.82 ? 5   DG  A C8    1 
ATOM   95  N N7    . DG  A 1 5  ? -3.844  5.640   2.142   1.00 22.77 ? 5   DG  A N7    1 
ATOM   96  C C5    . DG  A 1 5  ? -3.856  4.428   2.811   1.00 22.85 ? 5   DG  A C5    1 
ATOM   97  C C6    . DG  A 1 5  ? -2.810  3.512   3.044   1.00 24.10 ? 5   DG  A C6    1 
ATOM   98  O O6    . DG  A 1 5  ? -1.642  3.566   2.639   1.00 28.88 ? 5   DG  A O6    1 
ATOM   99  N N1    . DG  A 1 5  ? -3.235  2.426   3.811   1.00 24.67 ? 5   DG  A N1    1 
ATOM   100 C C2    . DG  A 1 5  ? -4.497  2.280   4.334   1.00 25.37 ? 5   DG  A C2    1 
ATOM   101 N N2    . DG  A 1 5  ? -4.716  1.166   5.063   1.00 29.11 ? 5   DG  A N2    1 
ATOM   102 N N3    . DG  A 1 5  ? -5.475  3.157   4.155   1.00 25.89 ? 5   DG  A N3    1 
ATOM   103 C C4    . DG  A 1 5  ? -5.082  4.202   3.392   1.00 21.62 ? 5   DG  A C4    1 
ATOM   104 P P     . DT  A 1 6  ? -11.111 7.771   4.828   1.00 42.39 ? 6   DT  A P     1 
ATOM   105 O OP1   . DT  A 1 6  ? -10.611 9.188   4.963   1.00 41.81 ? 6   DT  A OP1   1 
ATOM   106 O OP2   . DT  A 1 6  ? -11.899 7.097   5.916   1.00 43.60 ? 6   DT  A OP2   1 
ATOM   107 O "O5'" . DT  A 1 6  ? -11.902 7.885   3.454   1.00 43.14 ? 6   DT  A "O5'" 1 
ATOM   108 C "C5'" . DT  A 1 6  ? -12.833 6.894   3.036   1.00 43.27 ? 6   DT  A "C5'" 1 
ATOM   109 C "C4'" . DT  A 1 6  ? -13.993 7.645   2.416   1.00 43.02 ? 6   DT  A "C4'" 1 
ATOM   110 O "O4'" . DT  A 1 6  ? -13.549 8.342   1.243   1.00 44.51 ? 6   DT  A "O4'" 1 
ATOM   111 C "C3'" . DT  A 1 6  ? -15.117 6.714   2.000   1.00 40.48 ? 6   DT  A "C3'" 1 
ATOM   112 O "O3'" . DT  A 1 6  ? -16.385 7.359   2.169   1.00 40.54 ? 6   DT  A "O3'" 1 
ATOM   113 C "C2'" . DT  A 1 6  ? -14.844 6.496   0.532   1.00 40.02 ? 6   DT  A "C2'" 1 
ATOM   114 C "C1'" . DT  A 1 6  ? -14.270 7.840   0.119   1.00 42.97 ? 6   DT  A "C1'" 1 
ATOM   115 N N1    . DT  A 1 6  ? -13.400 7.709   -1.058  1.00 42.05 ? 6   DT  A N1    1 
ATOM   116 C C2    . DT  A 1 6  ? -13.604 8.591   -2.147  1.00 42.09 ? 6   DT  A C2    1 
ATOM   117 O O2    . DT  A 1 6  ? -14.497 9.474   -2.101  1.00 45.01 ? 6   DT  A O2    1 
ATOM   118 N N3    . DT  A 1 6  ? -12.842 8.492   -3.249  1.00 44.19 ? 6   DT  A N3    1 
ATOM   119 C C4    . DT  A 1 6  ? -11.867 7.572   -3.346  1.00 42.88 ? 6   DT  A C4    1 
ATOM   120 O O4    . DT  A 1 6  ? -11.165 7.481   -4.371  1.00 44.83 ? 6   DT  A O4    1 
ATOM   121 C C5    . DT  A 1 6  ? -11.630 6.636   -2.230  1.00 40.96 ? 6   DT  A C5    1 
ATOM   122 C C7    . DT  A 1 6  ? -10.533 5.606   -2.352  1.00 40.55 ? 6   DT  A C7    1 
ATOM   123 C C6    . DT  A 1 6  ? -12.445 6.755   -1.102  1.00 41.29 ? 6   DT  A C6    1 
ATOM   124 P P     . DT  A 1 7  ? -17.325 7.010   3.435   1.00 38.73 ? 7   DT  A P     1 
ATOM   125 O OP1   . DT  A 1 7  ? -18.410 8.066   3.484   1.00 38.88 ? 7   DT  A OP1   1 
ATOM   126 O OP2   . DT  A 1 7  ? -16.438 6.677   4.614   1.00 46.47 ? 7   DT  A OP2   1 
ATOM   127 O "O5'" . DT  A 1 7  ? -17.906 5.569   3.072   1.00 37.45 ? 7   DT  A "O5'" 1 
ATOM   128 C "C5'" . DT  A 1 7  ? -18.871 5.379   2.038   1.00 33.27 ? 7   DT  A "C5'" 1 
ATOM   129 C "C4'" . DT  A 1 7  ? -18.759 3.915   1.651   1.00 30.52 ? 7   DT  A "C4'" 1 
ATOM   130 O "O4'" . DT  A 1 7  ? -19.760 3.518   0.722   1.00 29.33 ? 7   DT  A "O4'" 1 
ATOM   131 C "C3'" . DT  A 1 7  ? -17.413 3.644   0.985   1.00 31.13 ? 7   DT  A "C3'" 1 
ATOM   132 O "O3'" . DT  A 1 7  ? -17.089 2.282   1.265   1.00 33.08 ? 7   DT  A "O3'" 1 
ATOM   133 C "C2'" . DT  A 1 7  ? -17.704 3.836   -0.466  1.00 27.38 ? 7   DT  A "C2'" 1 
ATOM   134 C "C1'" . DT  A 1 7  ? -19.217 3.588   -0.597  1.00 27.18 ? 7   DT  A "C1'" 1 
ATOM   135 N N1    . DT  A 1 7  ? -19.838 4.681   -1.381  1.00 26.13 ? 7   DT  A N1    1 
ATOM   136 C C2    . DT  A 1 7  ? -19.431 4.826   -2.726  1.00 27.02 ? 7   DT  A C2    1 
ATOM   137 O O2    . DT  A 1 7  ? -18.565 4.057   -3.211  1.00 24.98 ? 7   DT  A O2    1 
ATOM   138 N N3    . DT  A 1 7  ? -19.905 5.807   -3.498  1.00 24.12 ? 7   DT  A N3    1 
ATOM   139 C C4    . DT  A 1 7  ? -20.881 6.643   -3.070  1.00 27.58 ? 7   DT  A C4    1 
ATOM   140 O O4    . DT  A 1 7  ? -21.321 7.503   -3.852  1.00 28.05 ? 7   DT  A O4    1 
ATOM   141 C C5    . DT  A 1 7  ? -21.368 6.499   -1.673  1.00 27.97 ? 7   DT  A C5    1 
ATOM   142 C C7    . DT  A 1 7  ? -22.431 7.416   -1.114  1.00 28.40 ? 7   DT  A C7    1 
ATOM   143 C C6    . DT  A 1 7  ? -20.810 5.489   -0.881  1.00 28.45 ? 7   DT  A C6    1 
ATOM   144 P P     . DA  A 1 8  ? -15.565 1.853   1.586   1.00 36.24 ? 8   DA  A P     1 
ATOM   145 O OP1   . DA  A 1 8  ? -15.608 0.463   2.082   1.00 38.27 ? 8   DA  A OP1   1 
ATOM   146 O OP2   . DA  A 1 8  ? -14.938 2.893   2.409   1.00 39.04 ? 8   DA  A OP2   1 
ATOM   147 O "O5'" . DA  A 1 8  ? -14.873 1.969   0.154   1.00 39.64 ? 8   DA  A "O5'" 1 
ATOM   148 C "C5'" . DA  A 1 8  ? -15.015 0.926   -0.817  1.00 36.32 ? 8   DA  A "C5'" 1 
ATOM   149 C "C4'" . DA  A 1 8  ? -14.194 1.252   -2.042  1.00 36.13 ? 8   DA  A "C4'" 1 
ATOM   150 O "O4'" . DA  A 1 8  ? -14.825 2.320   -2.789  1.00 33.51 ? 8   DA  A "O4'" 1 
ATOM   151 C "C3'" . DA  A 1 8  ? -12.751 1.728   -1.807  1.00 37.68 ? 8   DA  A "C3'" 1 
ATOM   152 O "O3'" . DA  A 1 8  ? -11.880 0.963   -2.631  1.00 43.78 ? 8   DA  A "O3'" 1 
ATOM   153 C "C2'" . DA  A 1 8  ? -12.751 3.159   -2.335  1.00 37.55 ? 8   DA  A "C2'" 1 
ATOM   154 C "C1'" . DA  A 1 8  ? -13.811 3.052   -3.422  1.00 32.69 ? 8   DA  A "C1'" 1 
ATOM   155 N N9    . DA  A 1 8  ? -14.350 4.315   -3.902  1.00 33.28 ? 8   DA  A N9    1 
ATOM   156 C C8    . DA  A 1 8  ? -15.325 5.116   -3.361  1.00 30.14 ? 8   DA  A C8    1 
ATOM   157 N N7    . DA  A 1 8  ? -15.578 6.190   -4.070  1.00 31.43 ? 8   DA  A N7    1 
ATOM   158 C C5    . DA  A 1 8  ? -14.696 6.098   -5.139  1.00 32.07 ? 8   DA  A C5    1 
ATOM   159 C C6    . DA  A 1 8  ? -14.473 6.922   -6.256  1.00 32.83 ? 8   DA  A C6    1 
ATOM   160 N N6    . DA  A 1 8  ? -15.130 8.060   -6.481  1.00 32.10 ? 8   DA  A N6    1 
ATOM   161 N N1    . DA  A 1 8  ? -13.533 6.531   -7.148  1.00 34.45 ? 8   DA  A N1    1 
ATOM   162 C C2    . DA  A 1 8  ? -12.865 5.394   -6.917  1.00 32.41 ? 8   DA  A C2    1 
ATOM   163 N N3    . DA  A 1 8  ? -12.993 4.531   -5.910  1.00 34.50 ? 8   DA  A N3    1 
ATOM   164 C C4    . DA  A 1 8  ? -13.942 4.943   -5.051  1.00 31.94 ? 8   DA  A C4    1 
ATOM   165 P P     . DG  A 1 9  ? -10.321 0.836   -2.275  1.00 47.12 ? 9   DG  A P     1 
ATOM   166 O OP1   . DG  A 1 9  ? -9.869  2.075   -1.589  1.00 50.74 ? 9   DG  A OP1   1 
ATOM   167 O OP2   . DG  A 1 9  ? -9.626  0.382   -3.504  1.00 55.45 ? 9   DG  A OP2   1 
ATOM   168 O "O5'" . DG  A 1 9  ? -10.327 -0.343  -1.216  1.00 41.99 ? 9   DG  A "O5'" 1 
ATOM   169 C "C5'" . DG  A 1 9  ? -10.761 -1.651  -1.607  1.00 37.90 ? 9   DG  A "C5'" 1 
ATOM   170 C "C4'" . DG  A 1 9  ? -10.143 -2.669  -0.692  1.00 36.77 ? 9   DG  A "C4'" 1 
ATOM   171 O "O4'" . DG  A 1 9  ? -8.764  -2.923  -1.105  1.00 30.89 ? 9   DG  A "O4'" 1 
ATOM   172 C "C3'" . DG  A 1 9  ? -10.073 -2.236  0.766   1.00 35.75 ? 9   DG  A "C3'" 1 
ATOM   173 O "O3'" . DG  A 1 9  ? -10.283 -3.379  1.586   1.00 39.51 ? 9   DG  A "O3'" 1 
ATOM   174 C "C2'" . DG  A 1 9  ? -8.654  -1.684  0.885   1.00 33.53 ? 9   DG  A "C2'" 1 
ATOM   175 C "C1'" . DG  A 1 9  ? -7.890  -2.639  -0.030  1.00 30.36 ? 9   DG  A "C1'" 1 
ATOM   176 N N9    . DG  A 1 9  ? -6.675  -2.046  -0.579  1.00 24.19 ? 9   DG  A N9    1 
ATOM   177 C C8    . DG  A 1 9  ? -6.608  -0.921  -1.362  1.00 23.02 ? 9   DG  A C8    1 
ATOM   178 N N7    . DG  A 1 9  ? -5.390  -0.620  -1.722  1.00 22.59 ? 9   DG  A N7    1 
ATOM   179 C C5    . DG  A 1 9  ? -4.608  -1.596  -1.129  1.00 22.49 ? 9   DG  A C5    1 
ATOM   180 C C6    . DG  A 1 9  ? -3.214  -1.789  -1.171  1.00 20.94 ? 9   DG  A C6    1 
ATOM   181 O O6    . DG  A 1 9  ? -2.365  -1.096  -1.738  1.00 22.91 ? 9   DG  A O6    1 
ATOM   182 N N1    . DG  A 1 9  ? -2.826  -2.909  -0.440  1.00 23.37 ? 9   DG  A N1    1 
ATOM   183 C C2    . DG  A 1 9  ? -3.683  -3.742  0.241   1.00 22.54 ? 9   DG  A C2    1 
ATOM   184 N N2    . DG  A 1 9  ? -3.121  -4.781  0.877   1.00 23.22 ? 9   DG  A N2    1 
ATOM   185 N N3    . DG  A 1 9  ? -4.998  -3.575  0.279   1.00 23.46 ? 9   DG  A N3    1 
ATOM   186 C C4    . DG  A 1 9  ? -5.388  -2.493  -0.430  1.00 23.50 ? 9   DG  A C4    1 
ATOM   187 P P     . DG  A 1 10 ? -10.464 -3.201  3.156   1.00 42.02 ? 10  DG  A P     1 
ATOM   188 O OP1   . DG  A 1 10 ? -11.450 -4.223  3.615   1.00 44.37 ? 10  DG  A OP1   1 
ATOM   189 O OP2   . DG  A 1 10 ? -10.693 -1.760  3.420   1.00 42.64 ? 10  DG  A OP2   1 
ATOM   190 O "O5'" . DG  A 1 10 ? -9.034  -3.598  3.723   1.00 38.27 ? 10  DG  A "O5'" 1 
ATOM   191 C "C5'" . DG  A 1 10 ? -8.600  -4.961  3.742   1.00 38.02 ? 10  DG  A "C5'" 1 
ATOM   192 C "C4'" . DG  A 1 10 ? -7.326  -5.054  4.525   1.00 39.51 ? 10  DG  A "C4'" 1 
ATOM   193 O "O4'" . DG  A 1 10 ? -6.266  -4.413  3.768   1.00 34.71 ? 10  DG  A "O4'" 1 
ATOM   194 C "C3'" . DG  A 1 10 ? -7.360  -4.355  5.884   1.00 38.24 ? 10  DG  A "C3'" 1 
ATOM   195 O "O3'" . DG  A 1 10 ? -6.907  -5.301  6.837   1.00 45.53 ? 10  DG  A "O3'" 1 
ATOM   196 C "C2'" . DG  A 1 10 ? -6.461  -3.130  5.685   1.00 36.32 ? 10  DG  A "C2'" 1 
ATOM   197 C "C1'" . DG  A 1 10 ? -5.472  -3.652  4.650   1.00 33.46 ? 10  DG  A "C1'" 1 
ATOM   198 N N9    . DG  A 1 10 ? -4.791  -2.636  3.852   1.00 24.59 ? 10  DG  A N9    1 
ATOM   199 C C8    . DG  A 1 10 ? -5.367  -1.607  3.152   1.00 25.31 ? 10  DG  A C8    1 
ATOM   200 N N7    . DG  A 1 10 ? -4.500  -0.899  2.481   1.00 24.23 ? 10  DG  A N7    1 
ATOM   201 C C5    . DG  A 1 10 ? -3.287  -1.523  2.727   1.00 21.06 ? 10  DG  A C5    1 
ATOM   202 C C6    . DG  A 1 10 ? -1.993  -1.192  2.290   1.00 23.82 ? 10  DG  A C6    1 
ATOM   203 O O6    . DG  A 1 10 ? -1.657  -0.272  1.524   1.00 19.00 ? 10  DG  A O6    1 
ATOM   204 N N1    . DG  A 1 10 ? -1.044  -2.097  2.759   1.00 22.70 ? 10  DG  A N1    1 
ATOM   205 C C2    . DG  A 1 10 ? -1.305  -3.136  3.624   1.00 24.73 ? 10  DG  A C2    1 
ATOM   206 N N2    . DG  A 1 10 ? -0.249  -3.876  4.014   1.00 25.16 ? 10  DG  A N2    1 
ATOM   207 N N3    . DG  A 1 10 ? -2.514  -3.443  4.050   1.00 24.27 ? 10  DG  A N3    1 
ATOM   208 C C4    . DG  A 1 10 ? -3.449  -2.595  3.574   1.00 23.73 ? 10  DG  A C4    1 
ATOM   209 P P     . DG  A 1 11 ? -6.773  -4.909  8.381   1.00 47.34 ? 11  DG  A P     1 
ATOM   210 O OP1   . DG  A 1 11 ? -7.095  -6.118  9.186   1.00 52.19 ? 11  DG  A OP1   1 
ATOM   211 O OP2   . DG  A 1 11 ? -7.491  -3.630  8.612   1.00 45.99 ? 11  DG  A OP2   1 
ATOM   212 O "O5'" . DG  A 1 11 ? -5.207  -4.722  8.535   1.00 46.38 ? 11  DG  A "O5'" 1 
ATOM   213 C "C5'" . DG  A 1 11 ? -4.318  -5.805  8.209   1.00 42.74 ? 11  DG  A "C5'" 1 
ATOM   214 C "C4'" . DG  A 1 11 ? -2.974  -5.507  8.805   1.00 44.29 ? 11  DG  A "C4'" 1 
ATOM   215 O "O4'" . DG  A 1 11 ? -2.240  -4.634  7.897   1.00 37.23 ? 11  DG  A "O4'" 1 
ATOM   216 C "C3'" . DG  A 1 11 ? -3.051  -4.742  10.122  1.00 43.45 ? 11  DG  A "C3'" 1 
ATOM   217 O "O3'" . DG  A 1 11 ? -1.952  -5.036  10.945  1.00 52.32 ? 11  DG  A "O3'" 1 
ATOM   218 C "C2'" . DG  A 1 11 ? -2.955  -3.292  9.679   1.00 38.28 ? 11  DG  A "C2'" 1 
ATOM   219 C "C1'" . DG  A 1 11 ? -1.927  -3.422  8.565   1.00 36.01 ? 11  DG  A "C1'" 1 
ATOM   220 N N9    . DG  A 1 11 ? -1.961  -2.339  7.590   1.00 27.82 ? 11  DG  A N9    1 
ATOM   221 C C8    . DG  A 1 11 ? -3.064  -1.662  7.131   1.00 26.28 ? 11  DG  A C8    1 
ATOM   222 N N7    . DG  A 1 11 ? -2.765  -0.722  6.278   1.00 24.28 ? 11  DG  A N7    1 
ATOM   223 C C5    . DG  A 1 11 ? -1.393  -0.833  6.113   1.00 23.92 ? 11  DG  A C5    1 
ATOM   224 C C6    . DG  A 1 11 ? -0.508  -0.092  5.297   1.00 22.19 ? 11  DG  A C6    1 
ATOM   225 O O6    . DG  A 1 11 ? -0.782  0.803   4.494   1.00 21.27 ? 11  DG  A O6    1 
ATOM   226 N N1    . DG  A 1 11 ? 0.816   -0.489  5.478   1.00 25.72 ? 11  DG  A N1    1 
ATOM   227 C C2    . DG  A 1 11 ? 1.229   -1.469  6.352   1.00 26.34 ? 11  DG  A C2    1 
ATOM   228 N N2    . DG  A 1 11 ? 2.545   -1.710  6.413   1.00 27.26 ? 11  DG  A N2    1 
ATOM   229 N N3    . DG  A 1 11 ? 0.407   -2.176  7.103   1.00 25.91 ? 11  DG  A N3    1 
ATOM   230 C C4    . DG  A 1 11 ? -0.876  -1.795  6.948   1.00 25.62 ? 11  DG  A C4    1 
ATOM   231 P P     . DT  A 1 12 ? -2.094  -6.154  12.045  1.00 62.97 ? 12  DT  A P     1 
ATOM   232 O OP1   . DT  A 1 12 ? -0.722  -6.335  12.667  1.00 59.15 ? 12  DT  A OP1   1 
ATOM   233 O OP2   . DT  A 1 12 ? -2.751  -7.347  11.393  1.00 67.57 ? 12  DT  A OP2   1 
ATOM   234 O "O5'" . DT  A 1 12 ? -3.176  -5.508  13.083  1.00 68.23 ? 12  DT  A "O5'" 1 
ATOM   235 C "C5'" . DT  A 1 12 ? -4.552  -5.925  13.236  1.00 69.60 ? 12  DT  A "C5'" 1 
ATOM   236 C "C4'" . DT  A 1 12 ? -5.520  -4.820  13.707  1.00 69.36 ? 12  DT  A "C4'" 1 
ATOM   237 O "O4'" . DT  A 1 12 ? -5.331  -4.465  15.082  1.00 69.06 ? 12  DT  A "O4'" 1 
ATOM   238 C "C3'" . DT  A 1 12 ? -5.395  -3.517  12.915  1.00 68.88 ? 12  DT  A "C3'" 1 
ATOM   239 O "O3'" . DT  A 1 12 ? -6.669  -3.106  12.399  1.00 67.75 ? 12  DT  A "O3'" 1 
ATOM   240 C "C2'" . DT  A 1 12 ? -4.835  -2.478  13.871  1.00 67.63 ? 12  DT  A "C2'" 1 
ATOM   241 C "C1'" . DT  A 1 12 ? -4.578  -3.237  15.165  1.00 67.64 ? 12  DT  A "C1'" 1 
ATOM   242 N N1    . DT  A 1 12 ? -3.164  -3.599  15.397  1.00 62.31 ? 12  DT  A N1    1 
ATOM   243 C C2    . DT  A 1 12 ? -2.867  -4.194  16.647  1.00 63.08 ? 12  DT  A C2    1 
ATOM   244 O O2    . DT  A 1 12 ? -3.786  -4.345  17.493  1.00 48.65 ? 12  DT  A O2    1 
ATOM   245 N N3    . DT  A 1 12 ? -1.604  -4.581  16.947  1.00 63.80 ? 12  DT  A N3    1 
ATOM   246 C C4    . DT  A 1 12 ? -0.590  -4.423  16.079  1.00 61.89 ? 12  DT  A C4    1 
ATOM   247 O O4    . DT  A 1 12 ? 0.571   -4.782  16.382  1.00 61.86 ? 12  DT  A O4    1 
ATOM   248 C C5    . DT  A 1 12 ? -0.863  -3.800  14.762  1.00 62.40 ? 12  DT  A C5    1 
ATOM   249 C C7    . DT  A 1 12 ? 0.248   -3.616  13.766  1.00 60.71 ? 12  DT  A C7    1 
ATOM   250 C C6    . DT  A 1 12 ? -2.172  -3.407  14.486  1.00 65.61 ? 12  DT  A C6    1 
ATOM   251 O "O5'" . DT  B 1 1  ? -8.367  -6.190  -3.147  1.00 41.44 ? 13  DT  B "O5'" 1 
ATOM   252 C "C5'" . DT  B 1 1  ? -7.547  -6.779  -4.182  1.00 37.71 ? 13  DT  B "C5'" 1 
ATOM   253 C "C4'" . DT  B 1 1  ? -6.108  -7.223  -3.779  1.00 37.82 ? 13  DT  B "C4'" 1 
ATOM   254 O "O4'" . DT  B 1 1  ? -5.004  -6.410  -4.280  1.00 32.01 ? 13  DT  B "O4'" 1 
ATOM   255 C "C3'" . DT  B 1 1  ? -5.937  -7.211  -2.272  1.00 34.26 ? 13  DT  B "C3'" 1 
ATOM   256 O "O3'" . DT  B 1 1  ? -5.122  -8.292  -1.831  1.00 35.79 ? 13  DT  B "O3'" 1 
ATOM   257 C "C2'" . DT  B 1 1  ? -5.287  -5.874  -1.969  1.00 33.18 ? 13  DT  B "C2'" 1 
ATOM   258 C "C1'" . DT  B 1 1  ? -4.474  -5.552  -3.218  1.00 32.06 ? 13  DT  B "C1'" 1 
ATOM   259 N N1    . DT  B 1 1  ? -4.594  -4.199  -3.760  1.00 27.79 ? 13  DT  B N1    1 
ATOM   260 C C2    . DT  B 1 1  ? -3.514  -3.399  -4.186  1.00 22.92 ? 13  DT  B C2    1 
ATOM   261 O O2    . DT  B 1 1  ? -2.323  -3.739  -4.023  1.00 23.73 ? 13  DT  B O2    1 
ATOM   262 N N3    . DT  B 1 1  ? -3.737  -2.204  -4.760  1.00 23.74 ? 13  DT  B N3    1 
ATOM   263 C C4    . DT  B 1 1  ? -4.997  -1.785  -4.960  1.00 24.50 ? 13  DT  B C4    1 
ATOM   264 O O4    . DT  B 1 1  ? -5.243  -0.701  -5.454  1.00 25.40 ? 13  DT  B O4    1 
ATOM   265 C C5    . DT  B 1 1  ? -6.124  -2.599  -4.499  1.00 25.12 ? 13  DT  B C5    1 
ATOM   266 C C7    . DT  B 1 1  ? -7.559  -2.162  -4.674  1.00 26.27 ? 13  DT  B C7    1 
ATOM   267 C C6    . DT  B 1 1  ? -5.860  -3.798  -3.971  1.00 27.60 ? 13  DT  B C6    1 
ATOM   268 P P     . DA  B 1 2  ? -5.525  -9.087  -0.502  1.00 39.43 ? 14  DA  B P     1 
ATOM   269 O OP1   . DA  B 1 2  ? -6.443  -10.170 -0.914  1.00 39.85 ? 14  DA  B OP1   1 
ATOM   270 O OP2   . DA  B 1 2  ? -5.955  -8.106  0.506   1.00 36.73 ? 14  DA  B OP2   1 
ATOM   271 O "O5'" . DA  B 1 2  ? -4.163  -9.753  -0.024  1.00 42.67 ? 14  DA  B "O5'" 1 
ATOM   272 C "C5'" . DA  B 1 2  ? -3.598  -10.859 -0.742  1.00 42.29 ? 14  DA  B "C5'" 1 
ATOM   273 C "C4'" . DA  B 1 2  ? -2.259  -11.234 -0.161  1.00 45.62 ? 14  DA  B "C4'" 1 
ATOM   274 O "O4'" . DA  B 1 2  ? -1.214  -10.512 -0.860  1.00 43.52 ? 14  DA  B "O4'" 1 
ATOM   275 C "C3'" . DA  B 1 2  ? -2.062  -10.886 1.310   1.00 46.18 ? 14  DA  B "C3'" 1 
ATOM   276 O "O3'" . DA  B 1 2  ? -1.164  -11.813 1.908   1.00 51.88 ? 14  DA  B "O3'" 1 
ATOM   277 C "C2'" . DA  B 1 2  ? -1.556  -9.447  1.242   1.00 41.03 ? 14  DA  B "C2'" 1 
ATOM   278 C "C1'" . DA  B 1 2  ? -0.708  -9.478  -0.034  1.00 38.80 ? 14  DA  B "C1'" 1 
ATOM   279 N N9    . DA  B 1 2  ? -0.722  -8.237  -0.817  1.00 33.55 ? 14  DA  B N9    1 
ATOM   280 C C8    . DA  B 1 2  ? -1.809  -7.477  -1.171  1.00 30.96 ? 14  DA  B C8    1 
ATOM   281 N N7    . DA  B 1 2  ? -1.508  -6.432  -1.900  1.00 31.38 ? 14  DA  B N7    1 
ATOM   282 C C5    . DA  B 1 2  ? -0.132  -6.517  -2.051  1.00 30.67 ? 14  DA  B C5    1 
ATOM   283 C C6    . DA  B 1 2  ? 0.795   -5.692  -2.707  1.00 28.24 ? 14  DA  B C6    1 
ATOM   284 N N6    . DA  B 1 2  ? 0.453   -4.592  -3.380  1.00 26.95 ? 14  DA  B N6    1 
ATOM   285 N N1    . DA  B 1 2  ? 2.098   -6.052  -2.665  1.00 29.04 ? 14  DA  B N1    1 
ATOM   286 C C2    . DA  B 1 2  ? 2.433   -7.170  -2.000  1.00 28.49 ? 14  DA  B C2    1 
ATOM   287 N N3    . DA  B 1 2  ? 1.655   -8.011  -1.318  1.00 30.81 ? 14  DA  B N3    1 
ATOM   288 C C4    . DA  B 1 2  ? 0.366   -7.622  -1.386  1.00 30.16 ? 14  DA  B C4    1 
ATOM   289 P P     . DG  B 1 3  ? -0.948  -11.786 3.492   1.00 59.54 ? 15  DG  B P     1 
ATOM   290 O OP1   . DG  B 1 3  ? -0.499  -13.133 3.931   1.00 59.00 ? 15  DG  B OP1   1 
ATOM   291 O OP2   . DG  B 1 3  ? -2.145  -11.148 4.106   1.00 56.95 ? 15  DG  B OP2   1 
ATOM   292 O "O5'" . DG  B 1 3  ? 0.301   -10.812 3.654   1.00 46.19 ? 15  DG  B "O5'" 1 
ATOM   293 C "C5'" . DG  B 1 3  ? 1.517   -11.056 2.930   1.00 42.24 ? 15  DG  B "C5'" 1 
ATOM   294 C "C4'" . DG  B 1 3  ? 2.441   -9.876  3.093   1.00 39.96 ? 15  DG  B "C4'" 1 
ATOM   295 O "O4'" . DG  B 1 3  ? 2.086   -8.827  2.144   1.00 33.96 ? 15  DG  B "O4'" 1 
ATOM   296 C "C3'" . DG  B 1 3  ? 2.433   -9.216  4.473   1.00 39.66 ? 15  DG  B "C3'" 1 
ATOM   297 O "O3'" . DG  B 1 3  ? 3.806   -9.107  4.804   1.00 46.52 ? 15  DG  B "O3'" 1 
ATOM   298 C "C2'" . DG  B 1 3  ? 1.744   -7.869  4.219   1.00 38.56 ? 15  DG  B "C2'" 1 
ATOM   299 C "C1'" . DG  B 1 3  ? 2.194   -7.589  2.791   1.00 32.85 ? 15  DG  B "C1'" 1 
ATOM   300 N N9    . DG  B 1 3  ? 1.370   -6.617  2.087   1.00 26.92 ? 15  DG  B N9    1 
ATOM   301 C C8    . DG  B 1 3  ? 0.001   -6.490  2.129   1.00 26.65 ? 15  DG  B C8    1 
ATOM   302 N N7    . DG  B 1 3  ? -0.440  -5.496  1.406   1.00 24.73 ? 15  DG  B N7    1 
ATOM   303 C C5    . DG  B 1 3  ? 0.699   -4.945  0.845   1.00 22.81 ? 15  DG  B C5    1 
ATOM   304 C C6    . DG  B 1 3  ? 0.845   -3.835  -0.027  1.00 21.54 ? 15  DG  B C6    1 
ATOM   305 O O6    . DG  B 1 3  ? -0.034  -3.086  -0.468  1.00 22.11 ? 15  DG  B O6    1 
ATOM   306 N N1    . DG  B 1 3  ? 2.179   -3.603  -0.343  1.00 22.80 ? 15  DG  B N1    1 
ATOM   307 C C2    . DG  B 1 3  ? 3.242   -4.347  0.122   1.00 24.46 ? 15  DG  B C2    1 
ATOM   308 N N2    . DG  B 1 3  ? 4.461   -3.969  -0.288  1.00 23.99 ? 15  DG  B N2    1 
ATOM   309 N N3    . DG  B 1 3  ? 3.117   -5.372  0.958   1.00 23.53 ? 15  DG  B N3    1 
ATOM   310 C C4    . DG  B 1 3  ? 1.827   -5.617  1.265   1.00 24.17 ? 15  DG  B C4    1 
ATOM   311 P P     . DG  B 1 4  ? 4.278   -8.554  6.228   1.00 49.30 ? 16  DG  B P     1 
ATOM   312 O OP1   . DG  B 1 4  ? 5.192   -9.559  6.817   1.00 54.44 ? 16  DG  B OP1   1 
ATOM   313 O OP2   . DG  B 1 4  ? 3.089   -8.089  6.979   1.00 51.72 ? 16  DG  B OP2   1 
ATOM   314 O "O5'" . DG  B 1 4  ? 5.175   -7.302  5.821   1.00 45.54 ? 16  DG  B "O5'" 1 
ATOM   315 C "C5'" . DG  B 1 4  ? 6.063   -7.378  4.688   1.00 41.66 ? 16  DG  B "C5'" 1 
ATOM   316 C "C4'" . DG  B 1 4  ? 6.903   -6.128  4.569   1.00 38.76 ? 16  DG  B "C4'" 1 
ATOM   317 O "O4'" . DG  B 1 4  ? 6.293   -5.215  3.616   1.00 37.46 ? 16  DG  B "O4'" 1 
ATOM   318 C "C3'" . DG  B 1 4  ? 7.135   -5.328  5.846   1.00 36.19 ? 16  DG  B "C3'" 1 
ATOM   319 O "O3'" . DG  B 1 4  ? 8.490   -4.915  5.833   1.00 33.02 ? 16  DG  B "O3'" 1 
ATOM   320 C "C2'" . DG  B 1 4  ? 6.118   -4.188  5.738   1.00 33.22 ? 16  DG  B "C2'" 1 
ATOM   321 C "C1'" . DG  B 1 4  ? 6.074   -3.955  4.228   1.00 30.38 ? 16  DG  B "C1'" 1 
ATOM   322 N N9    . DG  B 1 4  ? 4.777   -3.451  3.780   1.00 28.28 ? 16  DG  B N9    1 
ATOM   323 C C8    . DG  B 1 4  ? 3.537   -3.916  4.138   1.00 23.79 ? 16  DG  B C8    1 
ATOM   324 N N7    . DG  B 1 4  ? 2.560   -3.255  3.576   1.00 22.77 ? 16  DG  B N7    1 
ATOM   325 C C5    . DG  B 1 4  ? 3.196   -2.272  2.830   1.00 20.83 ? 16  DG  B C5    1 
ATOM   326 C C6    . DG  B 1 4  ? 2.657   -1.258  2.025   1.00 21.41 ? 16  DG  B C6    1 
ATOM   327 O O6    . DG  B 1 4  ? 1.461   -1.003  1.812   1.00 19.23 ? 16  DG  B O6    1 
ATOM   328 N N1    . DG  B 1 4  ? 3.658   -0.482  1.439   1.00 19.57 ? 16  DG  B N1    1 
ATOM   329 C C2    . DG  B 1 4  ? 5.015   -0.665  1.627   1.00 21.78 ? 16  DG  B C2    1 
ATOM   330 N N2    . DG  B 1 4  ? 5.846   0.183   0.986   1.00 23.33 ? 16  DG  B N2    1 
ATOM   331 N N3    . DG  B 1 4  ? 5.522   -1.620  2.378   1.00 24.39 ? 16  DG  B N3    1 
ATOM   332 C C4    . DG  B 1 4  ? 4.564   -2.383  2.940   1.00 22.46 ? 16  DG  B C4    1 
ATOM   333 P P     . DG  B 1 5  ? 9.103   -4.069  7.050   1.00 34.49 ? 17  DG  B P     1 
ATOM   334 O OP1   . DG  B 1 5  ? 10.549  -4.464  7.237   1.00 33.36 ? 17  DG  B OP1   1 
ATOM   335 O OP2   . DG  B 1 5  ? 8.158   -4.049  8.176   1.00 34.89 ? 17  DG  B OP2   1 
ATOM   336 O "O5'" . DG  B 1 5  ? 9.120   -2.600  6.450   1.00 32.07 ? 17  DG  B "O5'" 1 
ATOM   337 C "C5'" . DG  B 1 5  ? 9.943   -2.252  5.342   1.00 31.60 ? 17  DG  B "C5'" 1 
ATOM   338 C "C4'" . DG  B 1 5  ? 10.000  -0.755  5.243   1.00 33.13 ? 17  DG  B "C4'" 1 
ATOM   339 O "O4'" . DG  B 1 5  ? 8.767   -0.280  4.631   1.00 31.88 ? 17  DG  B "O4'" 1 
ATOM   340 C "C3'" . DG  B 1 5  ? 10.109  -0.027  6.577   1.00 32.80 ? 17  DG  B "C3'" 1 
ATOM   341 O "O3'" . DG  B 1 5  ? 10.915  1.111   6.367   1.00 34.49 ? 17  DG  B "O3'" 1 
ATOM   342 C "C2'" . DG  B 1 5  ? 8.669   0.379   6.877   1.00 32.43 ? 17  DG  B "C2'" 1 
ATOM   343 C "C1'" . DG  B 1 5  ? 8.166   0.695   5.469   1.00 31.03 ? 17  DG  B "C1'" 1 
ATOM   344 N N9    . DG  B 1 5  ? 6.721   0.614   5.297   1.00 28.27 ? 17  DG  B N9    1 
ATOM   345 C C8    . DG  B 1 5  ? 5.874   -0.325  5.835   1.00 26.55 ? 17  DG  B C8    1 
ATOM   346 N N7    . DG  B 1 5  ? 4.628   -0.143  5.494   1.00 26.66 ? 17  DG  B N7    1 
ATOM   347 C C5    . DG  B 1 5  ? 4.663   0.951   4.638   1.00 21.96 ? 17  DG  B C5    1 
ATOM   348 C C6    . DG  B 1 5  ? 3.614   1.617   3.959   1.00 22.95 ? 17  DG  B C6    1 
ATOM   349 O O6    . DG  B 1 5  ? 2.411   1.315   3.910   1.00 21.85 ? 17  DG  B O6    1 
ATOM   350 N N1    . DG  B 1 5  ? 4.086   2.713   3.239   1.00 19.74 ? 17  DG  B N1    1 
ATOM   351 C C2    . DG  B 1 5  ? 5.402   3.099   3.160   1.00 25.29 ? 17  DG  B C2    1 
ATOM   352 N N2    . DG  B 1 5  ? 5.675   4.179   2.404   1.00 24.47 ? 17  DG  B N2    1 
ATOM   353 N N3    . DG  B 1 5  ? 6.385   2.486   3.791   1.00 24.58 ? 17  DG  B N3    1 
ATOM   354 C C4    . DG  B 1 5  ? 5.942   1.445   4.529   1.00 24.93 ? 17  DG  B C4    1 
ATOM   355 P P     . DT  B 1 6  ? 12.147  1.370   7.305   1.00 40.23 ? 18  DT  B P     1 
ATOM   356 O OP1   . DT  B 1 6  ? 11.747  1.020   8.705   1.00 42.37 ? 18  DT  B OP1   1 
ATOM   357 O OP2   . DT  B 1 6  ? 12.757  2.665   6.867   1.00 37.56 ? 18  DT  B OP2   1 
ATOM   358 O "O5'" . DT  B 1 6  ? 13.131  0.158   6.937   1.00 40.36 ? 18  DT  B "O5'" 1 
ATOM   359 C "C5'" . DT  B 1 6  ? 13.831  0.142   5.715   1.00 41.10 ? 18  DT  B "C5'" 1 
ATOM   360 C "C4'" . DT  B 1 6  ? 14.636  -1.144  5.668   1.00 42.41 ? 18  DT  B "C4'" 1 
ATOM   361 O "O4'" . DT  B 1 6  ? 13.789  -2.285  5.713   1.00 36.31 ? 18  DT  B "O4'" 1 
ATOM   362 C "C3'" . DT  B 1 6  ? 15.445  -1.265  4.390   1.00 42.68 ? 18  DT  B "C3'" 1 
ATOM   363 O "O3'" . DT  B 1 6  ? 16.784  -0.911  4.711   1.00 44.99 ? 18  DT  B "O3'" 1 
ATOM   364 C "C2'" . DT  B 1 6  ? 15.334  -2.722  3.959   1.00 39.67 ? 18  DT  B "C2'" 1 
ATOM   365 C "C1'" . DT  B 1 6  ? 14.320  -3.349  4.914   1.00 39.45 ? 18  DT  B "C1'" 1 
ATOM   366 N N1    . DT  B 1 6  ? 13.183  -4.002  4.262   1.00 37.00 ? 18  DT  B N1    1 
ATOM   367 C C2    . DT  B 1 6  ? 12.457  -3.327  3.240   1.00 40.90 ? 18  DT  B C2    1 
ATOM   368 O O2    . DT  B 1 6  ? 12.803  -2.189  2.846   1.00 41.98 ? 18  DT  B O2    1 
ATOM   369 N N3    . DT  B 1 6  ? 11.383  -3.896  2.661   1.00 41.73 ? 18  DT  B N3    1 
ATOM   370 C C4    . DT  B 1 6  ? 10.962  -5.108  3.029   1.00 41.96 ? 18  DT  B C4    1 
ATOM   371 O O4    . DT  B 1 6  ? 9.960   -5.610  2.477   1.00 49.17 ? 18  DT  B O4    1 
ATOM   372 C C5    . DT  B 1 6  ? 11.668  -5.836  4.111   1.00 42.64 ? 18  DT  B C5    1 
ATOM   373 C C7    . DT  B 1 6  ? 11.174  -7.193  4.530   1.00 43.86 ? 18  DT  B C7    1 
ATOM   374 C C6    . DT  B 1 6  ? 12.773  -5.226  4.704   1.00 39.46 ? 18  DT  B C6    1 
ATOM   375 P P     . DT  B 1 7  ? 17.485  0.285   3.963   1.00 46.89 ? 19  DT  B P     1 
ATOM   376 O OP1   . DT  B 1 7  ? 18.851  0.449   4.576   1.00 49.39 ? 19  DT  B OP1   1 
ATOM   377 O OP2   . DT  B 1 7  ? 16.504  1.433   3.902   1.00 48.45 ? 19  DT  B OP2   1 
ATOM   378 O "O5'" . DT  B 1 7  ? 17.637  -0.283  2.464   1.00 46.16 ? 19  DT  B "O5'" 1 
ATOM   379 C "C5'" . DT  B 1 7  ? 18.118  0.503   1.377   1.00 46.31 ? 19  DT  B "C5'" 1 
ATOM   380 C "C4'" . DT  B 1 7  ? 18.460  -0.390  0.180   1.00 44.10 ? 19  DT  B "C4'" 1 
ATOM   381 O "O4'" . DT  B 1 7  ? 19.617  -1.190  0.440   1.00 42.07 ? 19  DT  B "O4'" 1 
ATOM   382 C "C3'" . DT  B 1 7  ? 17.337  -1.358  -0.156  1.00 46.15 ? 19  DT  B "C3'" 1 
ATOM   383 O "O3'" . DT  B 1 7  ? 16.592  -0.831  -1.262  1.00 52.60 ? 19  DT  B "O3'" 1 
ATOM   384 C "C2'" . DT  B 1 7  ? 17.963  -2.717  -0.409  1.00 43.04 ? 19  DT  B "C2'" 1 
ATOM   385 C "C1'" . DT  B 1 7  ? 19.445  -2.484  -0.124  1.00 41.11 ? 19  DT  B "C1'" 1 
ATOM   386 N N1    . DT  B 1 7  ? 19.916  -3.484  0.824   1.00 35.71 ? 19  DT  B N1    1 
ATOM   387 C C2    . DT  B 1 7  ? 20.853  -4.457  0.439   1.00 30.44 ? 19  DT  B C2    1 
ATOM   388 O O2    . DT  B 1 7  ? 21.285  -4.529  -0.735  1.00 33.10 ? 19  DT  B O2    1 
ATOM   389 N N3    . DT  B 1 7  ? 21.251  -5.395  1.310   1.00 29.36 ? 19  DT  B N3    1 
ATOM   390 C C4    . DT  B 1 7  ? 20.824  -5.404  2.582   1.00 29.31 ? 19  DT  B C4    1 
ATOM   391 O O4    . DT  B 1 7  ? 21.234  -6.281  3.355   1.00 27.97 ? 19  DT  B O4    1 
ATOM   392 C C5    . DT  B 1 7  ? 19.857  -4.378  3.008   1.00 32.98 ? 19  DT  B C5    1 
ATOM   393 C C7    . DT  B 1 7  ? 19.337  -4.278  4.417   1.00 32.69 ? 19  DT  B C7    1 
ATOM   394 C C6    . DT  B 1 7  ? 19.462  -3.437  2.078   1.00 33.81 ? 19  DT  B C6    1 
ATOM   395 P P     . DA  B 1 8  ? 14.983  -0.711  -1.167  1.00 64.47 ? 20  DA  B P     1 
ATOM   396 O OP1   . DA  B 1 8  ? 14.576  0.634   -1.651  1.00 54.70 ? 20  DA  B OP1   1 
ATOM   397 O OP2   . DA  B 1 8  ? 14.556  -1.133  0.196   1.00 62.43 ? 20  DA  B OP2   1 
ATOM   398 O "O5'" . DA  B 1 8  ? 14.500  -1.809  -2.213  1.00 58.05 ? 20  DA  B "O5'" 1 
ATOM   399 C "C5'" . DA  B 1 8  ? 15.007  -3.163  -2.165  1.00 52.94 ? 20  DA  B "C5'" 1 
ATOM   400 C "C4'" . DA  B 1 8  ? 13.845  -4.119  -2.236  1.00 43.59 ? 20  DA  B "C4'" 1 
ATOM   401 O "O4'" . DA  B 1 8  ? 14.300  -5.494  -2.347  1.00 37.58 ? 20  DA  B "O4'" 1 
ATOM   402 C "C3'" . DA  B 1 8  ? 12.930  -4.060  -1.018  1.00 42.91 ? 20  DA  B "C3'" 1 
ATOM   403 O "O3'" . DA  B 1 8  ? 11.612  -3.998  -1.520  1.00 43.26 ? 20  DA  B "O3'" 1 
ATOM   404 C "C2'" . DA  B 1 8  ? 13.299  -5.310  -0.220  1.00 37.44 ? 20  DA  B "C2'" 1 
ATOM   405 C "C1'" . DA  B 1 8  ? 13.706  -6.276  -1.328  1.00 34.23 ? 20  DA  B "C1'" 1 
ATOM   406 N N9    . DA  B 1 8  ? 14.671  -7.297  -0.907  1.00 30.92 ? 20  DA  B N9    1 
ATOM   407 C C8    . DA  B 1 8  ? 15.761  -7.745  -1.613  1.00 29.14 ? 20  DA  B C8    1 
ATOM   408 N N7    . DA  B 1 8  ? 16.429  -8.698  -1.004  1.00 28.05 ? 20  DA  B N7    1 
ATOM   409 C C5    . DA  B 1 8  ? 15.720  -8.904  0.169   1.00 27.32 ? 20  DA  B C5    1 
ATOM   410 C C6    . DA  B 1 8  ? 15.912  -9.790  1.242   1.00 30.89 ? 20  DA  B C6    1 
ATOM   411 N N6    . DA  B 1 8  ? 16.918  -10.666 1.303   1.00 29.09 ? 20  DA  B N6    1 
ATOM   412 N N1    . DA  B 1 8  ? 15.032  -9.734  2.269   1.00 27.75 ? 20  DA  B N1    1 
ATOM   413 C C2    . DA  B 1 8  ? 14.003  -8.877  2.186   1.00 26.64 ? 20  DA  B C2    1 
ATOM   414 N N3    . DA  B 1 8  ? 13.728  -7.980  1.237   1.00 29.80 ? 20  DA  B N3    1 
ATOM   415 C C4    . DA  B 1 8  ? 14.624  -8.059  0.235   1.00 30.90 ? 20  DA  B C4    1 
ATOM   416 P P     . DG  B 1 9  ? 10.615  -2.873  -0.980  1.00 52.98 ? 21  DG  B P     1 
ATOM   417 O OP1   . DG  B 1 9  ? 11.414  -1.692  -0.559  1.00 41.50 ? 21  DG  B OP1   1 
ATOM   418 O OP2   . DG  B 1 9  ? 9.685   -3.544  -0.050  1.00 43.04 ? 21  DG  B OP2   1 
ATOM   419 O "O5'" . DG  B 1 9  ? 9.845   -2.385  -2.288  1.00 47.08 ? 21  DG  B "O5'" 1 
ATOM   420 C "C5'" . DG  B 1 9  ? 10.552  -1.812  -3.412  1.00 42.28 ? 21  DG  B "C5'" 1 
ATOM   421 C "C4'" . DG  B 1 9  ? 9.970   -0.463  -3.783  1.00 40.51 ? 21  DG  B "C4'" 1 
ATOM   422 O "O4'" . DG  B 1 9  ? 8.534   -0.586  -3.971  1.00 35.72 ? 21  DG  B "O4'" 1 
ATOM   423 C "C3'" . DG  B 1 9  ? 10.170  0.665   -2.775  1.00 38.93 ? 21  DG  B "C3'" 1 
ATOM   424 O "O3'" . DG  B 1 9  ? 10.448  1.893   -3.443  1.00 40.68 ? 21  DG  B "O3'" 1 
ATOM   425 C "C2'" . DG  B 1 9  ? 8.825   0.710   -2.052  1.00 35.57 ? 21  DG  B "C2'" 1 
ATOM   426 C "C1'" . DG  B 1 9  ? 7.864   0.381   -3.190  1.00 32.56 ? 21  DG  B "C1'" 1 
ATOM   427 N N9    . DG  B 1 9  ? 6.627   -0.229  -2.718  1.00 26.26 ? 21  DG  B N9    1 
ATOM   428 C C8    . DG  B 1 9  ? 6.535   -1.357  -1.940  1.00 26.12 ? 21  DG  B C8    1 
ATOM   429 N N7    . DG  B 1 9  ? 5.304   -1.716  -1.702  1.00 27.64 ? 21  DG  B N7    1 
ATOM   430 C C5    . DG  B 1 9  ? 4.537   -0.768  -2.366  1.00 24.10 ? 21  DG  B C5    1 
ATOM   431 C C6    . DG  B 1 9  ? 3.130   -0.638  -2.471  1.00 22.78 ? 21  DG  B C6    1 
ATOM   432 O O6    . DG  B 1 9  ? 2.253   -1.328  -1.945  1.00 21.77 ? 21  DG  B O6    1 
ATOM   433 N N1    . DG  B 1 9  ? 2.776   0.472   -3.224  1.00 21.78 ? 21  DG  B N1    1 
ATOM   434 C C2    . DG  B 1 9  ? 3.660   1.313   -3.854  1.00 22.42 ? 21  DG  B C2    1 
ATOM   435 N N2    . DG  B 1 9  ? 3.120   2.324   -4.546  1.00 26.03 ? 21  DG  B N2    1 
ATOM   436 N N3    . DG  B 1 9  ? 4.975   1.213   -3.752  1.00 25.70 ? 21  DG  B N3    1 
ATOM   437 C C4    . DG  B 1 9  ? 5.340   0.151   -3.006  1.00 25.38 ? 21  DG  B C4    1 
ATOM   438 P P     . DG  B 1 10 ? 10.920  3.198   -2.615  1.00 46.49 ? 22  DG  B P     1 
ATOM   439 O OP1   . DG  B 1 10 ? 12.177  3.702   -3.228  1.00 53.45 ? 22  DG  B OP1   1 
ATOM   440 O OP2   . DG  B 1 10 ? 10.880  2.887   -1.159  1.00 42.54 ? 22  DG  B OP2   1 
ATOM   441 O "O5'" . DG  B 1 10 ? 9.790   4.281   -2.935  1.00 39.26 ? 22  DG  B "O5'" 1 
ATOM   442 C "C5'" . DG  B 1 10 ? 8.880   4.182   -4.049  1.00 36.98 ? 22  DG  B "C5'" 1 
ATOM   443 C "C4'" . DG  B 1 10 ? 7.830   5.275   -3.996  1.00 36.27 ? 22  DG  B "C4'" 1 
ATOM   444 O "O4'" . DG  B 1 10 ? 6.528   4.707   -3.662  1.00 31.67 ? 22  DG  B "O4'" 1 
ATOM   445 C "C3'" . DG  B 1 10 ? 8.041   6.401   -2.990  1.00 34.31 ? 22  DG  B "C3'" 1 
ATOM   446 O "O3'" . DG  B 1 10 ? 7.473   7.528   -3.649  1.00 38.78 ? 22  DG  B "O3'" 1 
ATOM   447 C "C2'" . DG  B 1 10 ? 7.259   5.906   -1.775  1.00 35.01 ? 22  DG  B "C2'" 1 
ATOM   448 C "C1'" . DG  B 1 10 ? 6.037   5.302   -2.456  1.00 28.63 ? 22  DG  B "C1'" 1 
ATOM   449 N N9    . DG  B 1 10 ? 5.350   4.250   -1.701  1.00 23.93 ? 22  DG  B N9    1 
ATOM   450 C C8    . DG  B 1 10 ? 5.931   3.190   -1.052  1.00 23.76 ? 22  DG  B C8    1 
ATOM   451 N N7    . DG  B 1 10 ? 5.059   2.374   -0.520  1.00 20.48 ? 22  DG  B N7    1 
ATOM   452 C C5    . DG  B 1 10 ? 3.829   2.926   -0.854  1.00 19.38 ? 22  DG  B C5    1 
ATOM   453 C C6    . DG  B 1 10 ? 2.526   2.505   -0.543  1.00 22.69 ? 22  DG  B C6    1 
ATOM   454 O O6    . DG  B 1 10 ? 2.170   1.483   0.069   1.00 21.05 ? 22  DG  B O6    1 
ATOM   455 N N1    . DG  B 1 10 ? 1.570   3.364   -1.073  1.00 19.51 ? 22  DG  B N1    1 
ATOM   456 C C2    . DG  B 1 10 ? 1.844   4.519   -1.772  1.00 18.84 ? 22  DG  B C2    1 
ATOM   457 N N2    . DG  B 1 10 ? 0.788   5.231   -2.185  1.00 18.76 ? 22  DG  B N2    1 
ATOM   458 N N3    . DG  B 1 10 ? 3.057   4.914   -2.081  1.00 19.37 ? 22  DG  B N3    1 
ATOM   459 C C4    . DG  B 1 10 ? 3.997   4.095   -1.571  1.00 21.50 ? 22  DG  B C4    1 
ATOM   460 P P     . DG  B 1 11 ? 7.577   8.985   -3.023  1.00 43.52 ? 23  DG  B P     1 
ATOM   461 O OP1   . DG  B 1 11 ? 7.803   9.936   -4.141  1.00 47.92 ? 23  DG  B OP1   1 
ATOM   462 O OP2   . DG  B 1 11 ? 8.509   8.946   -1.869  1.00 37.75 ? 23  DG  B OP2   1 
ATOM   463 O "O5'" . DG  B 1 11 ? 6.110   9.257   -2.469  1.00 36.88 ? 23  DG  B "O5'" 1 
ATOM   464 C "C5'" . DG  B 1 11 ? 5.043   9.612   -3.364  1.00 36.94 ? 23  DG  B "C5'" 1 
ATOM   465 C "C4'" . DG  B 1 11 ? 3.815   10.015  -2.588  1.00 37.42 ? 23  DG  B "C4'" 1 
ATOM   466 O "O4'" . DG  B 1 11 ? 3.243   8.847   -1.921  1.00 33.56 ? 23  DG  B "O4'" 1 
ATOM   467 C "C3'" . DG  B 1 11 ? 4.049   11.031  -1.476  1.00 36.81 ? 23  DG  B "C3'" 1 
ATOM   468 O "O3'" . DG  B 1 11 ? 2.855   11.808  -1.385  1.00 42.26 ? 23  DG  B "O3'" 1 
ATOM   469 C "C2'" . DG  B 1 11 ? 4.190   10.130  -0.248  1.00 35.84 ? 23  DG  B "C2'" 1 
ATOM   470 C "C1'" . DG  B 1 11 ? 3.079   9.135   -0.550  1.00 28.85 ? 23  DG  B "C1'" 1 
ATOM   471 N N9    . DG  B 1 11 ? 3.084   7.875   0.187   1.00 23.39 ? 23  DG  B N9    1 
ATOM   472 C C8    . DG  B 1 11 ? 4.158   7.109   0.563   1.00 23.59 ? 23  DG  B C8    1 
ATOM   473 N N7    . DG  B 1 11 ? 3.810   5.995   1.146   1.00 23.60 ? 23  DG  B N7    1 
ATOM   474 C C5    . DG  B 1 11 ? 2.423   6.035   1.167   1.00 21.26 ? 23  DG  B C5    1 
ATOM   475 C C6    . DG  B 1 11 ? 1.490   5.113   1.692   1.00 21.01 ? 23  DG  B C6    1 
ATOM   476 O O6    . DG  B 1 11 ? 1.715   4.042   2.265   1.00 23.78 ? 23  DG  B O6    1 
ATOM   477 N N1    . DG  B 1 11 ? 0.178   5.540   1.490   1.00 19.56 ? 23  DG  B N1    1 
ATOM   478 C C2    . DG  B 1 11 ? -0.183  6.721   0.882   1.00 21.40 ? 23  DG  B C2    1 
ATOM   479 N N2    . DG  B 1 11 ? -1.498  6.994   0.822   1.00 22.09 ? 23  DG  B N2    1 
ATOM   480 N N3    . DG  B 1 11 ? 0.687   7.605   0.424   1.00 22.31 ? 23  DG  B N3    1 
ATOM   481 C C4    . DG  B 1 11 ? 1.959   7.189   0.578   1.00 22.40 ? 23  DG  B C4    1 
ATOM   482 P P     . DT  B 1 12 ? 2.811   13.339  -1.904  1.00 44.71 ? 24  DT  B P     1 
ATOM   483 O OP1   . DT  B 1 12 ? 1.397   13.665  -2.287  1.00 44.55 ? 24  DT  B OP1   1 
ATOM   484 O OP2   . DT  B 1 12 ? 3.891   13.519  -2.949  1.00 47.43 ? 24  DT  B OP2   1 
ATOM   485 O "O5'" . DT  B 1 12 ? 3.120   14.148  -0.565  1.00 46.25 ? 24  DT  B "O5'" 1 
ATOM   486 C "C5'" . DT  B 1 12 ? 4.347   14.033  0.154   1.00 57.37 ? 24  DT  B "C5'" 1 
ATOM   487 C "C4'" . DT  B 1 12 ? 4.979   15.420  0.205   1.00 63.75 ? 24  DT  B "C4'" 1 
ATOM   488 O "O4'" . DT  B 1 12 ? 3.955   16.410  0.392   1.00 68.55 ? 24  DT  B "O4'" 1 
ATOM   489 C "C3'" . DT  B 1 12 ? 5.968   15.573  1.347   1.00 65.24 ? 24  DT  B "C3'" 1 
ATOM   490 O "O3'" . DT  B 1 12 ? 7.237   15.981  0.821   1.00 67.07 ? 24  DT  B "O3'" 1 
ATOM   491 C "C2'" . DT  B 1 12 ? 5.382   16.619  2.284   1.00 68.83 ? 24  DT  B "C2'" 1 
ATOM   492 C "C1'" . DT  B 1 12 ? 4.182   17.214  1.548   1.00 70.20 ? 24  DT  B "C1'" 1 
ATOM   493 N N1    . DT  B 1 12 ? 2.967   17.239  2.373   1.00 70.22 ? 24  DT  B N1    1 
HETATM 494 K K     . K   C 2 .  ? 0.079   -0.353  -0.685  1.00 18.97 ? 101 K   A K     1 
HETATM 495 K K     . K   D 2 .  ? 0.319   1.684   2.261   1.00 19.38 ? 102 K   A K     1 
HETATM 496 O O2    . KQT E 3 .  ? -2.048  0.502   -10.960 1.00 41.43 ? 103 KQT A O2    1 
HETATM 497 C C2    . KQT E 3 .  ? -1.293  -0.506  -10.414 1.00 34.32 ? 103 KQT A C2    1 
HETATM 498 C C3    . KQT E 3 .  ? -2.083  -1.593  -10.144 1.00 35.29 ? 103 KQT A C3    1 
HETATM 499 O O3    . KQT E 3 .  ? 3.910   -7.243  -7.060  1.00 42.18 ? 103 KQT A O3    1 
HETATM 500 C C4    . KQT E 3 .  ? 0.055   -0.525  -10.155 1.00 33.69 ? 103 KQT A C4    1 
HETATM 501 O O4    . KQT E 3 .  ? 2.755   -8.991  -5.347  1.00 42.05 ? 103 KQT A O4    1 
HETATM 502 C C5    . KQT E 3 .  ? 0.607   -1.664  -9.566  1.00 35.27 ? 103 KQT A C5    1 
HETATM 503 C C6    . KQT E 3 .  ? -0.208  -2.767  -9.251  1.00 35.95 ? 103 KQT A C6    1 
HETATM 504 C C1    . KQT E 3 .  ? -3.383  -0.006  -11.024 1.00 40.50 ? 103 KQT A C1    1 
HETATM 505 O O1    . KQT E 3 .  ? -3.392  -1.326  -10.476 1.00 40.21 ? 103 KQT A O1    1 
HETATM 506 C C19   . KQT E 3 .  ? 4.866   -6.492  -6.308  1.00 40.09 ? 103 KQT A C19   1 
HETATM 507 C C18   . KQT E 3 .  ? 2.574   -7.113  -6.733  1.00 36.81 ? 103 KQT A C18   1 
HETATM 508 C C13   . KQT E 3 .  ? 1.847   -6.053  -7.336  1.00 33.11 ? 103 KQT A C13   1 
HETATM 509 C C12   . KQT E 3 .  ? 0.441   -5.949  -7.071  1.00 33.40 ? 103 KQT A C12   1 
HETATM 510 C C15   . KQT E 3 .  ? -0.152  -6.923  -6.220  1.00 32.07 ? 103 KQT A C15   1 
HETATM 511 C C16   . KQT E 3 .  ? 0.582   -7.913  -5.640  1.00 36.31 ? 103 KQT A C16   1 
HETATM 512 C C17   . KQT E 3 .  ? 1.948   -8.022  -5.888  1.00 36.86 ? 103 KQT A C17   1 
HETATM 513 C C20   . KQT E 3 .  ? 2.156   -9.970  -4.483  1.00 38.90 ? 103 KQT A C20   1 
HETATM 514 C C11   . KQT E 3 .  ? -0.306  -4.868  -7.649  1.00 32.46 ? 103 KQT A C11   1 
HETATM 515 C C10   . KQT E 3 .  ? 0.399   -3.914  -8.535  1.00 34.36 ? 103 KQT A C10   1 
HETATM 516 N N1    . KQT E 3 .  ? 1.784   -4.119  -8.743  1.00 36.49 ? 103 KQT A N1    1 
HETATM 517 C C14   . KQT E 3 .  ? 2.451   -5.114  -8.170  1.00 32.03 ? 103 KQT A C14   1 
HETATM 518 C C7    . KQT E 3 .  ? -1.559  -2.738  -9.603  1.00 36.02 ? 103 KQT A C7    1 
HETATM 519 C C8    . KQT E 3 .  ? 2.094   -1.793  -9.376  1.00 38.13 ? 103 KQT A C8    1 
HETATM 520 C C9    . KQT E 3 .  ? 2.503   -3.215  -9.676  1.00 38.72 ? 103 KQT A C9    1 
HETATM 521 C C21   . KQT E 3 .  ? -1.772  -4.748  -7.278  1.00 35.40 ? 103 KQT A C21   1 
HETATM 522 C C22   . KQT E 3 .  ? -2.699  -5.744  -8.041  1.00 34.30 ? 103 KQT A C22   1 
HETATM 523 C C23   . KQT E 3 .  ? -4.130  -5.831  -7.510  1.00 34.93 ? 103 KQT A C23   1 
HETATM 524 C C25   . KQT E 3 .  ? -5.167  -4.767  -7.812  1.00 32.10 ? 103 KQT A C25   1 
HETATM 525 C C26   . KQT E 3 .  ? -4.905  -3.580  -8.489  1.00 31.05 ? 103 KQT A C26   1 
HETATM 526 C C27   . KQT E 3 .  ? -5.922  -2.639  -8.698  1.00 30.77 ? 103 KQT A C27   1 
HETATM 527 N N2    . KQT E 3 .  ? -7.159  -2.826  -8.272  1.00 31.68 ? 103 KQT A N2    1 
HETATM 528 C C29   . KQT E 3 .  ? -7.454  -4.007  -7.597  1.00 30.26 ? 103 KQT A C29   1 
HETATM 529 C C30   . KQT E 3 .  ? -6.464  -4.998  -7.364  1.00 30.48 ? 103 KQT A C30   1 
HETATM 530 O O     . HOH F 4 .  ? 1.750   -2.794  16.475  1.00 53.38 ? 201 HOH A O     1 
HETATM 531 O O     . HOH F 4 .  ? -12.511 3.334   2.329   1.00 37.79 ? 202 HOH A O     1 
HETATM 532 O O     . HOH F 4 .  ? -2.760  3.160   -8.477  1.00 38.54 ? 203 HOH A O     1 
HETATM 533 O O     . HOH F 4 .  ? -5.372  9.449   1.654   1.00 32.55 ? 204 HOH A O     1 
HETATM 534 O O     . HOH F 4 .  ? -17.572 1.589   -3.643  1.00 43.69 ? 205 HOH A O     1 
HETATM 535 O O     . HOH F 4 .  ? -7.981  2.313   1.005   1.00 37.96 ? 206 HOH A O     1 
HETATM 536 O O     . HOH F 4 .  ? -1.527  3.348   -10.855 1.00 50.74 ? 207 HOH A O     1 
HETATM 537 O O     . HOH F 4 .  ? -5.787  -1.314  8.844   1.00 39.41 ? 208 HOH A O     1 
HETATM 538 O O     . HOH F 4 .  ? -5.283  3.920   -6.207  1.00 32.12 ? 209 HOH A O     1 
HETATM 539 O O     . HOH F 4 .  ? -10.509 11.423  2.933   1.00 48.93 ? 210 HOH A O     1 
HETATM 540 O O     . HOH F 4 .  ? -6.655  0.059   7.250   1.00 39.68 ? 211 HOH A O     1 
HETATM 541 O O     . HOH F 4 .  ? 4.185   -3.548  8.367   1.00 47.95 ? 212 HOH A O     1 
HETATM 542 O O     . HOH F 4 .  ? -2.681  -6.637  4.196   1.00 48.47 ? 213 HOH A O     1 
HETATM 543 O O     . HOH F 4 .  ? 9.062   1.620   -7.278  1.00 43.32 ? 214 HOH A O     1 
HETATM 544 O O     . HOH F 4 .  ? -10.461 -2.562  -6.391  1.00 46.13 ? 215 HOH A O     1 
HETATM 545 O O     . HOH G 4 .  ? 12.846  2.017   -0.231  1.00 39.66 ? 101 HOH B O     1 
HETATM 546 O O     . HOH G 4 .  ? 7.487   -2.806  0.674   1.00 38.45 ? 102 HOH B O     1 
HETATM 547 O O     . HOH G 4 .  ? 12.764  -2.965  7.931   1.00 39.49 ? 103 HOH B O     1 
HETATM 548 O O     . HOH G 4 .  ? -8.409  -9.254  -2.326  1.00 60.62 ? 104 HOH B O     1 
HETATM 549 O O     . HOH G 4 .  ? 6.444   -1.889  8.541   1.00 35.03 ? 105 HOH B O     1 
HETATM 550 O O     . HOH G 4 .  ? 5.319   -7.187  0.746   1.00 33.51 ? 106 HOH B O     1 
HETATM 551 O O     . HOH G 4 .  ? 3.026   5.832   -4.845  1.00 45.31 ? 107 HOH B O     1 
HETATM 552 O O     . HOH G 4 .  ? 8.736   0.076   1.736   1.00 31.41 ? 108 HOH B O     1 
HETATM 553 O O     . HOH G 4 .  ? -2.905  9.571   0.223   1.00 35.54 ? 109 HOH B O     1 
# 
